data_7MGW
#
_entry.id   7MGW
#
_cell.length_a   1.00
_cell.length_b   1.00
_cell.length_c   1.00
_cell.angle_alpha   90.00
_cell.angle_beta   90.00
_cell.angle_gamma   90.00
#
_symmetry.space_group_name_H-M   'P 1'
#
loop_
_entity.id
_entity.type
_entity.pdbx_description
1 polymer 'Sodium-dependent serotonin transporter'
2 polymer 'variable domain of 15B8 antibody Fab heavy chain'
3 polymer 'variable domain of 15B8 antiboty Fab light chain'
4 branched 2-acetamido-2-deoxy-beta-D-glucopyranose-(1-4)-2-acetamido-2-deoxy-beta-D-glucopyranose
5 non-polymer 'CHLORIDE ION'
6 non-polymer DODECANE
7 non-polymer PENTANE
8 non-polymer HEPTANE
9 non-polymer DECANE
10 non-polymer SEROTONIN
11 non-polymer CHOLESTEROL
#
loop_
_entity_poly.entity_id
_entity_poly.type
_entity_poly.pdbx_seq_one_letter_code
_entity_poly.pdbx_strand_id
1 'polypeptide(L)'
;RETWGKKVDFLLSVIGYAVDLGNVWRFPYICYQNGGGAFLLPYTIMAIFGGIPLFYMELALGQYHRNGCISIWRKICPIF
KGIGYAICIIAFYIASYYNTIMAWALYYLISSFTDQLPWTSCKNSWNTGNCTNYFSEDNITWTLHSTSPAEEFYTRHVLQ
IHRSKGLQDLGGISWQLALCIMLIFTVIYFSIWKGVKTSGKVVWVTATFPYIILSVLLVRGATLPGAWRGVLFYLKPNWQ
KLLETGVWIDAAAQIFFSLGPGFGVLLAFASYNKFNNNCYQDALVTSVVNCMTSFVSGFVIFTVLGYMAEMRNEDVSEVA
KDAGPSLLFITYAEAIANMPASTFFAIIFFLMLITLGLDSTFAGLEGVITAVLDEFPHVWAKRRERFVLAVVITCFFGSL
VTLTFGGAYVVKLLEEYATGPAVLTVALIEAVAVSWFYGITQFCRDVKEMLGFSPGWFWRICWVAISPLFLLFIICSFLM
SPPQLRLFQYNYPYWSIILGYCIGTSSFICIPTYIAYRLIITPGTFKERIIKSITPE
;
A
2 'polypeptide(L)'
;QVQLQQSGPELVKLGASVRISCKASGYRFSYSWMNWVKQRPGKGLEWIGRIYPGDGDTKYSGKFKGKATLTADKSSSTVY
MQLSSLTSEDSAVYFCARSAYGSEGFAMDYWGQGTSVT
;
B
3 'polypeptide(L)'
;DIVLTQSPASLAVSLGQRATISCRASESVDNYGISFLNWFQQKPGQPPKLLIYAASNQGSGVPARFSGSGSGTYFSLNIH
PMEEDDTAVYFCQQTKGVSWTFGGGTKVEI
;
C
#
# COMPACT_ATOMS: atom_id res chain seq x y z
N ARG A 1 33.01 18.44 -18.20
CA ARG A 1 31.89 18.11 -17.33
C ARG A 1 32.27 18.26 -15.86
N GLU A 2 31.26 18.40 -15.01
CA GLU A 2 31.48 18.55 -13.58
C GLU A 2 31.91 17.21 -12.96
N THR A 3 32.32 17.27 -11.70
CA THR A 3 32.78 16.11 -10.96
C THR A 3 32.00 16.00 -9.65
N TRP A 4 32.14 14.84 -8.99
CA TRP A 4 31.47 14.63 -7.72
C TRP A 4 32.06 15.50 -6.62
N GLY A 5 33.35 15.86 -6.74
CA GLY A 5 34.02 16.64 -5.72
C GLY A 5 34.78 15.78 -4.73
N LYS A 6 34.21 15.57 -3.54
CA LYS A 6 34.83 14.73 -2.53
C LYS A 6 34.22 13.33 -2.58
N LYS A 7 35.05 12.33 -2.23
CA LYS A 7 34.64 10.94 -2.34
C LYS A 7 33.53 10.58 -1.36
N VAL A 8 33.39 11.35 -0.28
CA VAL A 8 32.42 11.02 0.76
C VAL A 8 30.99 11.12 0.24
N ASP A 9 30.68 12.16 -0.54
CA ASP A 9 29.33 12.30 -1.06
C ASP A 9 29.01 11.21 -2.07
N PHE A 10 29.98 10.83 -2.89
CA PHE A 10 29.77 9.74 -3.84
C PHE A 10 29.51 8.43 -3.11
N LEU A 11 30.30 8.13 -2.07
CA LEU A 11 30.09 6.92 -1.29
C LEU A 11 28.73 6.93 -0.62
N LEU A 12 28.33 8.09 -0.08
CA LEU A 12 27.01 8.20 0.55
C LEU A 12 25.89 7.98 -0.46
N SER A 13 26.05 8.50 -1.68
CA SER A 13 25.02 8.30 -2.69
C SER A 13 24.92 6.84 -3.10
N VAL A 14 26.07 6.17 -3.26
CA VAL A 14 26.03 4.77 -3.65
C VAL A 14 25.42 3.91 -2.55
N ILE A 15 25.76 4.17 -1.28
CA ILE A 15 25.17 3.37 -0.21
C ILE A 15 23.69 3.70 -0.03
N GLY A 16 23.30 4.94 -0.31
CA GLY A 16 21.89 5.29 -0.23
C GLY A 16 21.06 4.63 -1.32
N TYR A 17 21.63 4.50 -2.52
CA TYR A 17 20.97 3.73 -3.56
C TYR A 17 20.98 2.23 -3.21
N ALA A 18 22.01 1.76 -2.52
CA ALA A 18 22.05 0.37 -2.09
C ALA A 18 20.90 0.06 -1.13
N VAL A 19 20.74 0.87 -0.08
CA VAL A 19 19.62 0.68 0.82
C VAL A 19 18.34 1.11 0.10
N ASP A 20 17.50 0.14 -0.24
CA ASP A 20 16.33 0.37 -1.08
C ASP A 20 15.09 -0.16 -0.39
N LEU A 21 14.04 0.68 -0.33
CA LEU A 21 12.75 0.22 0.18
C LEU A 21 12.18 -0.89 -0.69
N GLY A 22 12.45 -0.84 -2.01
CA GLY A 22 12.00 -1.92 -2.86
C GLY A 22 12.61 -3.26 -2.49
N ASN A 23 13.90 -3.27 -2.18
CA ASN A 23 14.54 -4.50 -1.72
C ASN A 23 14.02 -4.91 -0.36
N VAL A 24 13.89 -3.96 0.57
CA VAL A 24 13.38 -4.25 1.90
C VAL A 24 11.96 -4.83 1.81
N TRP A 25 11.22 -4.47 0.76
CA TRP A 25 9.88 -5.02 0.58
C TRP A 25 9.93 -6.40 -0.06
N ARG A 26 10.74 -6.57 -1.11
CA ARG A 26 10.68 -7.78 -1.92
C ARG A 26 11.40 -8.96 -1.26
N PHE A 27 12.52 -8.70 -0.59
CA PHE A 27 13.31 -9.80 -0.01
C PHE A 27 12.50 -10.63 0.98
N PRO A 28 12.00 -10.08 2.09
CA PRO A 28 11.28 -10.94 3.05
C PRO A 28 9.95 -11.42 2.52
N TYR A 29 9.30 -10.65 1.63
CA TYR A 29 8.03 -11.08 1.06
C TYR A 29 8.19 -12.39 0.29
N ILE A 30 9.09 -12.41 -0.69
CA ILE A 30 9.31 -13.64 -1.45
C ILE A 30 9.97 -14.71 -0.58
N CYS A 31 10.73 -14.30 0.45
CA CYS A 31 11.29 -15.27 1.39
C CYS A 31 10.18 -16.07 2.05
N TYR A 32 9.22 -15.38 2.68
CA TYR A 32 8.10 -16.05 3.33
C TYR A 32 7.20 -16.73 2.31
N GLN A 33 7.13 -16.21 1.08
CA GLN A 33 6.30 -16.84 0.06
C GLN A 33 6.86 -18.21 -0.34
N ASN A 34 8.18 -18.31 -0.49
CA ASN A 34 8.78 -19.60 -0.84
C ASN A 34 8.95 -20.52 0.36
N GLY A 35 9.02 -19.97 1.57
CA GLY A 35 9.08 -20.84 2.73
C GLY A 35 10.00 -20.36 3.84
N GLY A 36 10.67 -19.22 3.63
CA GLY A 36 11.50 -18.68 4.68
C GLY A 36 12.92 -19.20 4.68
N GLY A 37 13.18 -20.22 5.50
CA GLY A 37 14.52 -20.76 5.61
C GLY A 37 15.11 -21.23 4.30
N ALA A 38 14.27 -21.75 3.40
CA ALA A 38 14.76 -22.20 2.10
C ALA A 38 14.84 -21.03 1.13
N PHE A 39 15.47 -19.94 1.56
CA PHE A 39 15.68 -18.79 0.69
C PHE A 39 17.09 -18.19 0.78
N LEU A 40 17.82 -18.40 1.87
CA LEU A 40 19.13 -17.79 2.04
C LEU A 40 20.27 -18.70 1.63
N LEU A 41 20.08 -20.03 1.69
CA LEU A 41 21.17 -20.94 1.34
C LEU A 41 21.48 -20.91 -0.15
N PRO A 42 20.52 -21.09 -1.08
CA PRO A 42 20.87 -20.94 -2.50
C PRO A 42 20.77 -19.48 -2.94
N TYR A 43 21.31 -18.58 -2.14
CA TYR A 43 21.20 -17.16 -2.39
C TYR A 43 22.54 -16.43 -2.38
N THR A 44 23.50 -16.88 -1.56
CA THR A 44 24.73 -16.12 -1.38
C THR A 44 25.58 -16.13 -2.65
N ILE A 45 25.78 -17.30 -3.25
CA ILE A 45 26.61 -17.39 -4.44
C ILE A 45 25.96 -16.65 -5.61
N MET A 46 24.64 -16.73 -5.72
CA MET A 46 23.95 -15.98 -6.77
C MET A 46 24.07 -14.49 -6.54
N ALA A 47 23.90 -14.03 -5.29
CA ALA A 47 24.07 -12.62 -4.98
C ALA A 47 25.46 -12.14 -5.36
N ILE A 48 26.49 -12.91 -5.00
CA ILE A 48 27.86 -12.54 -5.34
C ILE A 48 28.03 -12.45 -6.84
N PHE A 49 27.77 -13.56 -7.54
CA PHE A 49 28.01 -13.63 -8.98
C PHE A 49 27.10 -12.72 -9.79
N GLY A 50 26.05 -12.15 -9.18
CA GLY A 50 25.21 -11.21 -9.91
C GLY A 50 25.50 -9.77 -9.58
N GLY A 51 25.96 -9.50 -8.36
CA GLY A 51 26.24 -8.13 -7.96
C GLY A 51 27.67 -7.70 -8.16
N ILE A 52 28.62 -8.47 -7.64
CA ILE A 52 30.03 -8.06 -7.62
C ILE A 52 30.55 -7.78 -9.03
N PRO A 53 30.49 -8.74 -9.97
CA PRO A 53 31.10 -8.48 -11.29
C PRO A 53 30.40 -7.37 -12.05
N LEU A 54 29.07 -7.39 -12.11
CA LEU A 54 28.34 -6.37 -12.88
C LEU A 54 28.58 -4.98 -12.29
N PHE A 55 28.39 -4.84 -10.98
CA PHE A 55 28.59 -3.54 -10.33
C PHE A 55 30.01 -3.04 -10.54
N TYR A 56 31.02 -3.89 -10.29
CA TYR A 56 32.41 -3.47 -10.40
C TYR A 56 32.76 -3.09 -11.83
N MET A 57 32.35 -3.91 -12.81
CA MET A 57 32.67 -3.63 -14.19
C MET A 57 32.00 -2.36 -14.68
N GLU A 58 30.73 -2.15 -14.31
CA GLU A 58 30.02 -0.95 -14.76
C GLU A 58 30.59 0.30 -14.10
N LEU A 59 30.95 0.23 -12.81
CA LEU A 59 31.58 1.36 -12.16
C LEU A 59 32.93 1.68 -12.80
N ALA A 60 33.72 0.66 -13.11
CA ALA A 60 35.01 0.89 -13.77
C ALA A 60 34.83 1.51 -15.14
N LEU A 61 33.87 1.00 -15.93
CA LEU A 61 33.62 1.54 -17.25
C LEU A 61 33.17 3.00 -17.17
N GLY A 62 32.29 3.31 -16.23
CA GLY A 62 31.85 4.70 -16.08
C GLY A 62 32.98 5.62 -15.67
N GLN A 63 33.77 5.20 -14.68
CA GLN A 63 34.88 6.02 -14.21
C GLN A 63 35.98 6.15 -15.27
N TYR A 64 36.07 5.20 -16.20
CA TYR A 64 37.09 5.27 -17.25
C TYR A 64 36.65 6.11 -18.44
N HIS A 65 35.36 6.05 -18.80
CA HIS A 65 34.87 6.76 -19.98
C HIS A 65 34.31 8.14 -19.65
N ARG A 66 33.41 8.23 -18.67
CA ARG A 66 32.77 9.49 -18.27
C ARG A 66 32.05 10.14 -19.46
N ASN A 67 31.06 9.42 -19.97
CA ASN A 67 30.22 9.89 -21.06
C ASN A 67 28.76 9.58 -20.79
N GLY A 68 28.35 9.66 -19.52
CA GLY A 68 26.97 9.37 -19.17
C GLY A 68 26.66 7.89 -19.25
N CYS A 69 25.40 7.59 -19.54
CA CYS A 69 24.93 6.22 -19.69
C CYS A 69 24.50 5.88 -21.11
N ILE A 70 23.88 6.82 -21.81
CA ILE A 70 23.47 6.58 -23.20
C ILE A 70 24.60 6.90 -24.17
N SER A 71 25.28 8.03 -23.97
CA SER A 71 26.40 8.42 -24.83
C SER A 71 27.66 7.62 -24.57
N ILE A 72 27.72 6.87 -23.46
CA ILE A 72 28.90 6.08 -23.15
C ILE A 72 29.05 4.90 -24.10
N TRP A 73 27.99 4.54 -24.82
CA TRP A 73 28.05 3.42 -25.76
C TRP A 73 28.58 3.80 -27.13
N ARG A 74 28.60 5.10 -27.45
CA ARG A 74 29.11 5.53 -28.76
C ARG A 74 30.59 5.22 -28.93
N LYS A 75 31.34 5.05 -27.85
CA LYS A 75 32.75 4.72 -27.91
C LYS A 75 33.02 3.24 -27.63
N ILE A 76 31.98 2.43 -27.51
CA ILE A 76 32.14 1.01 -27.23
C ILE A 76 31.49 0.19 -28.35
N CYS A 77 30.18 0.37 -28.51
CA CYS A 77 29.42 -0.37 -29.53
C CYS A 77 28.20 0.46 -29.89
N PRO A 78 28.26 1.21 -30.99
CA PRO A 78 27.11 2.04 -31.37
C PRO A 78 25.91 1.24 -31.87
N ILE A 79 26.06 -0.07 -32.08
CA ILE A 79 24.94 -0.89 -32.52
C ILE A 79 23.90 -1.03 -31.41
N PHE A 80 24.35 -1.11 -30.16
CA PHE A 80 23.48 -1.32 -29.02
C PHE A 80 23.12 -0.02 -28.31
N LYS A 81 22.99 1.07 -29.07
CA LYS A 81 22.62 2.35 -28.46
C LYS A 81 21.18 2.35 -27.93
N GLY A 82 20.35 1.43 -28.42
CA GLY A 82 18.97 1.34 -27.95
C GLY A 82 18.83 0.97 -26.49
N ILE A 83 19.92 0.50 -25.85
CA ILE A 83 19.87 0.18 -24.43
C ILE A 83 19.57 1.42 -23.60
N GLY A 84 19.90 2.61 -24.10
CA GLY A 84 19.53 3.83 -23.40
C GLY A 84 18.03 4.00 -23.28
N TYR A 85 17.32 3.91 -24.41
CA TYR A 85 15.87 3.97 -24.38
C TYR A 85 15.27 2.80 -23.63
N ALA A 86 15.90 1.63 -23.71
CA ALA A 86 15.43 0.47 -22.96
C ALA A 86 15.44 0.73 -21.46
N ILE A 87 16.58 1.19 -20.94
CA ILE A 87 16.69 1.43 -19.52
C ILE A 87 15.87 2.66 -19.11
N CYS A 88 15.63 3.58 -20.06
CA CYS A 88 14.75 4.71 -19.77
C CYS A 88 13.32 4.23 -19.54
N ILE A 89 12.82 3.36 -20.43
CA ILE A 89 11.49 2.79 -20.26
C ILE A 89 11.42 1.96 -18.98
N ILE A 90 12.49 1.22 -18.68
CA ILE A 90 12.53 0.41 -17.47
C ILE A 90 12.45 1.29 -16.23
N ALA A 91 13.20 2.39 -16.22
CA ALA A 91 13.18 3.31 -15.09
C ALA A 91 11.82 3.99 -14.96
N PHE A 92 11.18 4.30 -16.10
CA PHE A 92 9.84 4.88 -16.06
C PHE A 92 8.85 3.91 -15.43
N TYR A 93 8.92 2.63 -15.82
CA TYR A 93 8.02 1.63 -15.24
C TYR A 93 8.30 1.44 -13.75
N ILE A 94 9.58 1.40 -13.36
CA ILE A 94 9.93 1.21 -11.95
C ILE A 94 9.46 2.40 -11.13
N ALA A 95 9.56 3.61 -11.68
CA ALA A 95 9.08 4.79 -10.97
C ALA A 95 7.56 4.79 -10.85
N SER A 96 6.87 4.35 -11.91
CA SER A 96 5.41 4.24 -11.84
C SER A 96 4.99 3.22 -10.80
N TYR A 97 5.75 2.15 -10.62
CA TYR A 97 5.44 1.16 -9.60
C TYR A 97 5.83 1.65 -8.20
N TYR A 98 6.86 2.49 -8.10
CA TYR A 98 7.34 2.98 -6.82
C TYR A 98 6.48 4.12 -6.28
N ASN A 99 5.84 4.87 -7.17
CA ASN A 99 5.05 6.03 -6.76
C ASN A 99 3.86 5.63 -5.90
N THR A 100 3.20 4.51 -6.23
CA THR A 100 2.08 4.05 -5.42
C THR A 100 2.52 3.69 -4.01
N ILE A 101 3.66 2.98 -3.89
CA ILE A 101 4.17 2.62 -2.57
C ILE A 101 4.56 3.87 -1.80
N MET A 102 5.16 4.86 -2.48
CA MET A 102 5.51 6.10 -1.81
C MET A 102 4.28 6.84 -1.30
N ALA A 103 3.23 6.89 -2.11
CA ALA A 103 1.99 7.53 -1.69
C ALA A 103 1.37 6.80 -0.50
N TRP A 104 1.36 5.46 -0.53
CA TRP A 104 0.84 4.69 0.59
C TRP A 104 1.63 4.97 1.86
N ALA A 105 2.96 5.01 1.75
CA ALA A 105 3.80 5.23 2.92
C ALA A 105 3.57 6.62 3.51
N LEU A 106 3.48 7.64 2.64
CA LEU A 106 3.29 8.99 3.15
C LEU A 106 1.88 9.18 3.72
N TYR A 107 0.88 8.51 3.14
CA TYR A 107 -0.47 8.56 3.71
C TYR A 107 -0.51 7.87 5.06
N TYR A 108 0.24 6.76 5.22
CA TYR A 108 0.34 6.12 6.52
C TYR A 108 1.02 7.04 7.53
N LEU A 109 2.08 7.73 7.10
CA LEU A 109 2.76 8.67 7.97
C LEU A 109 1.82 9.79 8.41
N ILE A 110 0.98 10.28 7.49
CA ILE A 110 0.03 11.34 7.84
C ILE A 110 -1.02 10.81 8.82
N SER A 111 -1.59 9.63 8.54
CA SER A 111 -2.63 9.07 9.38
C SER A 111 -2.11 8.58 10.73
N SER A 112 -0.79 8.42 10.87
CA SER A 112 -0.20 7.99 12.13
C SER A 112 0.20 9.16 13.03
N PHE A 113 -0.46 10.31 12.88
CA PHE A 113 -0.14 11.47 13.69
C PHE A 113 -1.03 11.62 14.91
N THR A 114 -2.22 11.01 14.91
CA THR A 114 -3.13 11.12 16.04
C THR A 114 -2.60 10.33 17.24
N ASP A 115 -3.11 10.68 18.42
CA ASP A 115 -2.69 10.00 19.63
C ASP A 115 -3.16 8.55 19.64
N GLN A 116 -4.35 8.29 19.11
CA GLN A 116 -4.90 6.94 19.00
C GLN A 116 -4.77 6.49 17.56
N LEU A 117 -3.80 5.62 17.30
CA LEU A 117 -3.57 5.16 15.93
C LEU A 117 -4.73 4.29 15.47
N PRO A 118 -5.17 4.42 14.21
CA PRO A 118 -6.30 3.63 13.69
C PRO A 118 -5.92 2.21 13.29
N TRP A 119 -5.20 1.52 14.18
CA TRP A 119 -4.80 0.14 13.96
C TRP A 119 -5.15 -0.80 15.11
N THR A 120 -5.33 -0.29 16.33
CA THR A 120 -5.72 -1.15 17.44
C THR A 120 -7.15 -1.63 17.33
N SER A 121 -8.01 -0.89 16.63
CA SER A 121 -9.41 -1.28 16.47
C SER A 121 -9.94 -0.71 15.17
N CYS A 122 -11.08 -1.26 14.74
CA CYS A 122 -11.74 -0.83 13.51
C CYS A 122 -12.79 0.23 13.83
N LYS A 123 -12.71 1.36 13.16
CA LYS A 123 -13.58 2.50 13.41
C LYS A 123 -14.81 2.42 12.51
N ASN A 124 -15.57 3.51 12.43
CA ASN A 124 -16.85 3.56 11.73
C ASN A 124 -16.72 3.34 10.22
N SER A 125 -15.49 3.24 9.71
CA SER A 125 -15.26 3.08 8.28
C SER A 125 -14.54 1.77 7.98
N TRP A 126 -14.85 0.73 8.75
CA TRP A 126 -14.26 -0.58 8.55
C TRP A 126 -15.28 -1.66 8.92
N ASN A 127 -15.16 -2.81 8.26
CA ASN A 127 -16.10 -3.91 8.46
C ASN A 127 -15.81 -4.60 9.78
N THR A 128 -16.54 -4.22 10.83
CA THR A 128 -16.37 -4.85 12.14
C THR A 128 -16.88 -6.28 12.18
N GLY A 129 -17.69 -6.69 11.21
CA GLY A 129 -18.15 -8.07 11.18
C GLY A 129 -17.02 -9.04 10.92
N ASN A 130 -16.08 -8.67 10.06
CA ASN A 130 -14.88 -9.47 9.81
C ASN A 130 -13.66 -8.94 10.55
N CYS A 131 -13.77 -7.78 11.20
CA CYS A 131 -12.69 -7.25 12.03
C CYS A 131 -12.82 -7.87 13.42
N THR A 132 -12.12 -8.98 13.63
CA THR A 132 -12.18 -9.70 14.88
C THR A 132 -10.82 -10.11 15.44
N ASN A 133 -9.73 -9.68 14.82
CA ASN A 133 -8.38 -10.03 15.27
C ASN A 133 -8.06 -9.20 16.50
N TYR A 134 -8.49 -9.68 17.67
CA TYR A 134 -8.25 -9.02 18.95
C TYR A 134 -7.75 -10.06 19.93
N PHE A 135 -6.57 -9.83 20.49
CA PHE A 135 -5.94 -10.78 21.41
C PHE A 135 -6.68 -10.76 22.73
N SER A 136 -7.57 -11.73 22.93
CA SER A 136 -8.37 -11.86 24.13
C SER A 136 -7.94 -13.08 24.92
N GLU A 137 -8.67 -13.38 25.99
CA GLU A 137 -8.36 -14.51 26.87
C GLU A 137 -8.96 -15.78 26.28
N ASP A 138 -8.40 -16.20 25.15
CA ASP A 138 -8.80 -17.43 24.46
C ASP A 138 -10.29 -17.43 24.12
N ASN A 139 -10.76 -16.32 23.59
CA ASN A 139 -12.15 -16.18 23.17
C ASN A 139 -12.29 -15.90 21.68
N ILE A 140 -11.25 -16.16 20.89
CA ILE A 140 -11.25 -15.91 19.46
C ILE A 140 -11.30 -17.24 18.73
N THR A 141 -12.17 -17.34 17.73
CA THR A 141 -12.33 -18.54 16.91
C THR A 141 -12.07 -18.15 15.46
N TRP A 142 -10.83 -18.29 15.03
CA TRP A 142 -10.46 -17.94 13.66
C TRP A 142 -11.08 -18.92 12.67
N THR A 143 -11.65 -18.38 11.61
CA THR A 143 -12.30 -19.16 10.56
C THR A 143 -11.58 -18.93 9.23
N LEU A 144 -12.14 -19.49 8.16
CA LEU A 144 -11.58 -19.36 6.82
C LEU A 144 -11.84 -17.99 6.20
N HIS A 145 -12.50 -17.08 6.90
CA HIS A 145 -12.76 -15.74 6.40
C HIS A 145 -12.44 -14.65 7.40
N SER A 146 -11.70 -14.96 8.46
CA SER A 146 -11.35 -13.96 9.46
C SER A 146 -10.29 -13.01 8.90
N THR A 147 -10.37 -11.74 9.31
CA THR A 147 -9.43 -10.73 8.85
C THR A 147 -8.75 -10.03 10.03
N SER A 148 -7.99 -8.98 9.73
CA SER A 148 -7.23 -8.23 10.72
C SER A 148 -7.53 -6.75 10.57
N PRO A 149 -7.41 -5.98 11.66
CA PRO A 149 -7.59 -4.52 11.53
C PRO A 149 -6.61 -3.88 10.56
N ALA A 150 -5.34 -4.27 10.59
CA ALA A 150 -4.37 -3.73 9.64
C ALA A 150 -4.69 -4.17 8.22
N GLU A 151 -5.18 -5.41 8.05
CA GLU A 151 -5.57 -5.87 6.73
C GLU A 151 -6.73 -5.04 6.18
N GLU A 152 -7.73 -4.76 7.02
CA GLU A 152 -8.84 -3.92 6.59
C GLU A 152 -8.37 -2.50 6.30
N PHE A 153 -7.45 -1.98 7.10
CA PHE A 153 -6.91 -0.64 6.84
C PHE A 153 -6.19 -0.59 5.50
N TYR A 154 -5.47 -1.64 5.15
CA TYR A 154 -4.76 -1.67 3.87
C TYR A 154 -5.70 -1.96 2.70
N THR A 155 -6.82 -2.63 2.95
CA THR A 155 -7.70 -3.07 1.87
C THR A 155 -8.79 -2.05 1.55
N ARG A 156 -9.62 -1.71 2.54
CA ARG A 156 -10.82 -0.93 2.30
C ARG A 156 -10.69 0.54 2.71
N HIS A 157 -9.48 0.99 3.04
CA HIS A 157 -9.28 2.38 3.45
C HIS A 157 -8.34 3.13 2.51
N VAL A 158 -7.17 2.59 2.21
CA VAL A 158 -6.18 3.29 1.40
C VAL A 158 -6.24 2.81 -0.03
N LEU A 159 -6.72 1.59 -0.25
CA LEU A 159 -6.81 1.00 -1.58
C LEU A 159 -8.22 0.92 -2.11
N GLN A 160 -9.19 0.57 -1.26
CA GLN A 160 -10.60 0.47 -1.66
C GLN A 160 -10.78 -0.53 -2.80
N ILE A 161 -10.15 -1.70 -2.66
CA ILE A 161 -10.25 -2.73 -3.69
C ILE A 161 -11.63 -3.35 -3.75
N HIS A 162 -12.47 -3.13 -2.73
CA HIS A 162 -13.82 -3.68 -2.73
C HIS A 162 -14.68 -3.07 -3.85
N ARG A 163 -14.33 -1.89 -4.33
CA ARG A 163 -15.06 -1.27 -5.44
C ARG A 163 -14.61 -1.75 -6.81
N SER A 164 -13.49 -2.46 -6.88
CA SER A 164 -12.96 -2.96 -8.15
C SER A 164 -13.05 -4.48 -8.17
N LYS A 165 -13.67 -5.02 -9.21
CA LYS A 165 -13.83 -6.47 -9.37
C LYS A 165 -12.71 -7.09 -10.19
N GLY A 166 -11.56 -6.43 -10.28
CA GLY A 166 -10.42 -6.92 -11.03
C GLY A 166 -9.89 -5.87 -11.97
N LEU A 167 -8.96 -6.28 -12.84
CA LEU A 167 -8.39 -5.35 -13.80
C LEU A 167 -9.41 -4.93 -14.86
N GLN A 168 -10.34 -5.83 -15.20
CA GLN A 168 -11.36 -5.50 -16.20
C GLN A 168 -12.42 -4.54 -15.67
N ASP A 169 -12.49 -4.33 -14.37
CA ASP A 169 -13.47 -3.44 -13.76
C ASP A 169 -12.78 -2.15 -13.33
N LEU A 170 -13.29 -1.02 -13.80
CA LEU A 170 -12.71 0.27 -13.44
C LEU A 170 -12.98 0.59 -11.97
N GLY A 171 -12.01 1.24 -11.34
CA GLY A 171 -12.12 1.59 -9.94
C GLY A 171 -12.33 3.08 -9.71
N GLY A 172 -12.74 3.45 -8.50
CA GLY A 172 -12.97 4.85 -8.19
C GLY A 172 -11.68 5.61 -7.97
N ILE A 173 -11.80 6.94 -8.02
CA ILE A 173 -10.66 7.84 -7.84
C ILE A 173 -10.34 7.95 -6.36
N SER A 174 -9.16 8.48 -6.05
CA SER A 174 -8.72 8.68 -4.66
C SER A 174 -8.02 10.03 -4.58
N TRP A 175 -8.76 11.04 -4.12
CA TRP A 175 -8.20 12.39 -4.05
C TRP A 175 -7.07 12.48 -3.03
N GLN A 176 -7.15 11.72 -1.94
CA GLN A 176 -6.08 11.74 -0.95
C GLN A 176 -4.76 11.26 -1.55
N LEU A 177 -4.79 10.10 -2.21
CA LEU A 177 -3.59 9.60 -2.88
C LEU A 177 -3.17 10.51 -4.02
N ALA A 178 -4.13 11.18 -4.66
CA ALA A 178 -3.79 12.12 -5.74
C ALA A 178 -2.96 13.28 -5.19
N LEU A 179 -3.44 13.92 -4.14
CA LEU A 179 -2.67 15.01 -3.53
C LEU A 179 -1.36 14.51 -2.92
N CYS A 180 -1.34 13.27 -2.43
CA CYS A 180 -0.10 12.69 -1.93
C CYS A 180 0.95 12.58 -3.03
N ILE A 181 0.53 12.04 -4.18
CA ILE A 181 1.44 11.91 -5.32
C ILE A 181 1.86 13.29 -5.82
N MET A 182 0.94 14.24 -5.81
CA MET A 182 1.28 15.62 -6.18
C MET A 182 2.38 16.17 -5.28
N LEU A 183 2.21 16.04 -3.97
CA LEU A 183 3.21 16.55 -3.04
C LEU A 183 4.55 15.86 -3.22
N ILE A 184 4.53 14.54 -3.39
CA ILE A 184 5.78 13.79 -3.59
C ILE A 184 6.47 14.27 -4.85
N PHE A 185 5.70 14.54 -5.91
CA PHE A 185 6.30 14.96 -7.18
C PHE A 185 6.87 16.36 -7.08
N THR A 186 6.18 17.27 -6.39
CA THR A 186 6.74 18.61 -6.19
C THR A 186 8.01 18.53 -5.35
N VAL A 187 8.04 17.66 -4.34
CA VAL A 187 9.23 17.52 -3.51
C VAL A 187 10.41 17.01 -4.34
N ILE A 188 10.18 15.96 -5.13
CA ILE A 188 11.28 15.40 -5.91
C ILE A 188 11.70 16.36 -7.02
N TYR A 189 10.76 17.14 -7.56
CA TYR A 189 11.12 18.11 -8.59
C TYR A 189 11.97 19.22 -8.02
N PHE A 190 11.59 19.73 -6.83
CA PHE A 190 12.41 20.74 -6.18
C PHE A 190 13.76 20.18 -5.75
N SER A 191 13.83 18.87 -5.51
CA SER A 191 15.11 18.27 -5.17
C SER A 191 16.03 18.13 -6.38
N ILE A 192 15.47 17.77 -7.54
CA ILE A 192 16.30 17.59 -8.74
C ILE A 192 16.56 18.90 -9.48
N TRP A 193 15.78 19.95 -9.20
CA TRP A 193 15.89 21.18 -9.97
C TRP A 193 17.25 21.85 -9.79
N LYS A 194 17.84 21.74 -8.61
CA LYS A 194 19.09 22.45 -8.34
C LYS A 194 20.25 21.83 -9.10
N GLY A 195 20.56 20.57 -8.84
CA GLY A 195 21.59 19.89 -9.58
C GLY A 195 22.33 18.87 -8.73
N VAL A 196 23.45 18.40 -9.29
CA VAL A 196 24.25 17.37 -8.63
C VAL A 196 24.84 17.87 -7.32
N LYS A 197 25.01 19.18 -7.16
CA LYS A 197 25.48 19.73 -5.90
C LYS A 197 24.51 19.39 -4.77
N THR A 198 23.25 19.80 -4.91
CA THR A 198 22.26 19.47 -3.90
C THR A 198 21.95 17.97 -3.89
N SER A 199 22.20 17.26 -5.00
CA SER A 199 22.06 15.81 -4.99
C SER A 199 23.02 15.19 -3.97
N GLY A 200 24.30 15.54 -4.06
CA GLY A 200 25.27 15.03 -3.13
C GLY A 200 25.12 15.59 -1.73
N LYS A 201 24.57 16.80 -1.61
CA LYS A 201 24.42 17.40 -0.29
C LYS A 201 23.22 16.85 0.45
N VAL A 202 22.18 16.40 -0.26
CA VAL A 202 20.96 15.96 0.39
C VAL A 202 21.05 14.51 0.87
N VAL A 203 22.05 13.76 0.42
CA VAL A 203 22.17 12.36 0.84
C VAL A 203 22.76 12.26 2.24
N TRP A 204 23.65 13.18 2.61
CA TRP A 204 24.32 13.10 3.91
C TRP A 204 23.33 13.21 5.06
N VAL A 205 22.35 14.12 4.94
CA VAL A 205 21.38 14.31 6.02
C VAL A 205 20.42 13.13 6.11
N THR A 206 20.26 12.36 5.03
CA THR A 206 19.38 11.20 5.00
C THR A 206 20.17 9.90 4.87
N ALA A 207 21.31 9.83 5.55
CA ALA A 207 22.19 8.66 5.49
C ALA A 207 22.12 7.83 6.77
N THR A 208 22.35 8.43 7.93
CA THR A 208 22.37 7.69 9.19
C THR A 208 20.99 7.55 9.82
N PHE A 209 20.01 8.35 9.40
CA PHE A 209 18.67 8.25 9.97
C PHE A 209 18.01 6.90 9.68
N PRO A 210 17.95 6.41 8.42
CA PRO A 210 17.36 5.08 8.22
C PRO A 210 18.10 3.99 8.96
N TYR A 211 19.43 4.09 9.06
CA TYR A 211 20.21 3.09 9.77
C TYR A 211 19.85 3.08 11.26
N ILE A 212 19.74 4.26 11.87
CA ILE A 212 19.47 4.31 13.30
C ILE A 212 18.04 3.87 13.59
N ILE A 213 17.10 4.20 12.71
CA ILE A 213 15.72 3.74 12.91
C ILE A 213 15.65 2.22 12.74
N LEU A 214 16.40 1.67 11.78
CA LEU A 214 16.43 0.23 11.61
C LEU A 214 17.01 -0.46 12.84
N SER A 215 18.08 0.12 13.40
CA SER A 215 18.71 -0.49 14.58
C SER A 215 17.77 -0.44 15.78
N VAL A 216 17.10 0.69 16.01
CA VAL A 216 16.23 0.77 17.17
C VAL A 216 15.00 -0.13 16.98
N LEU A 217 14.50 -0.24 15.74
CA LEU A 217 13.38 -1.14 15.49
C LEU A 217 13.78 -2.58 15.70
N LEU A 218 15.00 -2.95 15.31
CA LEU A 218 15.47 -4.32 15.49
C LEU A 218 15.64 -4.63 16.98
N VAL A 219 16.27 -3.73 17.73
CA VAL A 219 16.45 -3.98 19.15
C VAL A 219 15.14 -3.89 19.93
N ARG A 220 14.11 -3.26 19.37
CA ARG A 220 12.81 -3.26 20.00
C ARG A 220 12.04 -4.54 19.70
N GLY A 221 12.10 -5.01 18.46
CA GLY A 221 11.42 -6.24 18.08
C GLY A 221 12.08 -7.49 18.61
N ALA A 222 13.38 -7.45 18.88
CA ALA A 222 14.09 -8.60 19.42
C ALA A 222 13.83 -8.82 20.91
N THR A 223 13.10 -7.91 21.56
CA THR A 223 12.82 -8.03 22.99
C THR A 223 11.44 -8.59 23.29
N LEU A 224 10.52 -8.54 22.33
CA LEU A 224 9.17 -9.04 22.56
C LEU A 224 9.20 -10.56 22.73
N PRO A 225 8.34 -11.12 23.59
CA PRO A 225 8.33 -12.58 23.77
C PRO A 225 7.82 -13.31 22.53
N GLY A 226 8.68 -14.14 21.95
CA GLY A 226 8.33 -14.85 20.75
C GLY A 226 9.32 -14.64 19.62
N ALA A 227 10.52 -14.16 19.96
CA ALA A 227 11.57 -13.89 18.99
C ALA A 227 12.44 -15.10 18.70
N TRP A 228 11.95 -16.31 18.96
CA TRP A 228 12.69 -17.54 18.71
C TRP A 228 12.10 -18.36 17.58
N ARG A 229 10.78 -18.51 17.54
CA ARG A 229 10.14 -19.26 16.47
C ARG A 229 10.38 -18.59 15.12
N GLY A 230 10.38 -17.25 15.10
CA GLY A 230 10.62 -16.54 13.85
C GLY A 230 12.00 -16.80 13.30
N VAL A 231 13.03 -16.70 14.15
CA VAL A 231 14.39 -16.91 13.66
C VAL A 231 14.63 -18.38 13.36
N LEU A 232 13.95 -19.30 14.07
CA LEU A 232 14.09 -20.72 13.74
C LEU A 232 13.45 -21.03 12.40
N PHE A 233 12.34 -20.37 12.08
CA PHE A 233 11.70 -20.55 10.77
C PHE A 233 12.49 -19.87 9.67
N TYR A 234 13.20 -18.79 9.99
CA TYR A 234 14.00 -18.07 9.00
C TYR A 234 15.36 -18.72 8.75
N LEU A 235 15.85 -19.53 9.68
CA LEU A 235 17.18 -20.13 9.59
C LEU A 235 17.09 -21.64 9.44
N LYS A 236 16.16 -22.12 8.61
CA LYS A 236 16.02 -23.55 8.36
C LYS A 236 16.79 -23.93 7.10
N PRO A 237 17.61 -24.98 7.13
CA PRO A 237 18.36 -25.38 5.94
C PRO A 237 17.47 -25.72 4.75
N ASN A 238 16.60 -26.71 4.94
CA ASN A 238 15.58 -27.09 3.95
C ASN A 238 16.21 -27.37 2.58
N TRP A 239 17.02 -28.42 2.55
CA TRP A 239 17.70 -28.86 1.33
C TRP A 239 16.78 -29.66 0.39
N GLN A 240 15.47 -29.59 0.57
CA GLN A 240 14.55 -30.45 -0.17
C GLN A 240 14.02 -29.84 -1.46
N LYS A 241 13.81 -28.52 -1.50
CA LYS A 241 13.14 -27.88 -2.62
C LYS A 241 13.99 -26.73 -3.18
N LEU A 242 15.27 -27.01 -3.43
CA LEU A 242 16.18 -26.00 -3.96
C LEU A 242 16.88 -26.42 -5.25
N LEU A 243 16.61 -27.62 -5.77
CA LEU A 243 17.40 -28.13 -6.89
C LEU A 243 16.97 -27.50 -8.21
N GLU A 244 15.72 -27.68 -8.60
CA GLU A 244 15.22 -27.12 -9.86
C GLU A 244 14.03 -26.20 -9.67
N THR A 245 13.00 -26.65 -8.95
CA THR A 245 11.77 -25.89 -8.78
C THR A 245 11.79 -25.00 -7.55
N GLY A 246 12.98 -24.56 -7.12
CA GLY A 246 13.11 -23.75 -5.93
C GLY A 246 12.87 -22.27 -6.20
N VAL A 247 13.40 -21.44 -5.31
CA VAL A 247 13.26 -20.01 -5.38
C VAL A 247 14.54 -19.34 -5.90
N TRP A 248 15.38 -20.09 -6.61
CA TRP A 248 16.65 -19.55 -7.07
C TRP A 248 16.45 -18.39 -8.04
N ILE A 249 15.50 -18.51 -8.97
CA ILE A 249 15.27 -17.46 -9.95
C ILE A 249 14.71 -16.21 -9.30
N ASP A 250 13.78 -16.38 -8.35
CA ASP A 250 13.22 -15.23 -7.66
C ASP A 250 14.26 -14.54 -6.79
N ALA A 251 15.13 -15.32 -6.15
CA ALA A 251 16.22 -14.73 -5.38
C ALA A 251 17.19 -13.98 -6.29
N ALA A 252 17.46 -14.52 -7.48
CA ALA A 252 18.31 -13.83 -8.44
C ALA A 252 17.69 -12.50 -8.85
N ALA A 253 16.40 -12.50 -9.16
CA ALA A 253 15.72 -11.26 -9.54
C ALA A 253 15.71 -10.25 -8.40
N GLN A 254 15.52 -10.74 -7.16
CA GLN A 254 15.48 -9.84 -6.02
C GLN A 254 16.84 -9.20 -5.78
N ILE A 255 17.91 -9.99 -5.79
CA ILE A 255 19.24 -9.42 -5.58
C ILE A 255 19.63 -8.55 -6.76
N PHE A 256 19.12 -8.84 -7.96
CA PHE A 256 19.36 -7.96 -9.10
C PHE A 256 18.72 -6.60 -8.88
N PHE A 257 17.44 -6.57 -8.48
CA PHE A 257 16.79 -5.30 -8.20
C PHE A 257 17.44 -4.58 -7.04
N SER A 258 18.00 -5.33 -6.08
CA SER A 258 18.65 -4.70 -4.93
C SER A 258 19.96 -4.03 -5.33
N LEU A 259 20.86 -4.78 -5.98
CA LEU A 259 22.14 -4.22 -6.37
C LEU A 259 22.00 -3.15 -7.44
N GLY A 260 21.00 -3.28 -8.31
CA GLY A 260 20.77 -2.34 -9.38
C GLY A 260 21.93 -2.23 -10.37
N PRO A 261 22.23 -3.31 -11.08
CA PRO A 261 23.23 -3.22 -12.16
C PRO A 261 22.58 -2.96 -13.51
N GLY A 262 23.23 -2.11 -14.29
CA GLY A 262 22.72 -1.73 -15.58
C GLY A 262 21.56 -0.76 -15.57
N PHE A 263 21.12 -0.33 -14.38
CA PHE A 263 20.00 0.61 -14.26
C PHE A 263 20.38 2.04 -14.61
N GLY A 264 21.58 2.26 -15.15
CA GLY A 264 22.04 3.59 -15.49
C GLY A 264 22.52 4.42 -14.31
N VAL A 265 22.13 4.08 -13.09
CA VAL A 265 22.54 4.87 -11.93
C VAL A 265 24.03 4.72 -11.68
N LEU A 266 24.58 3.52 -11.93
CA LEU A 266 26.01 3.31 -11.71
C LEU A 266 26.84 4.12 -12.69
N LEU A 267 26.49 4.05 -13.99
CA LEU A 267 27.17 4.87 -14.99
C LEU A 267 26.98 6.35 -14.71
N ALA A 268 25.81 6.73 -14.20
CA ALA A 268 25.56 8.12 -13.87
C ALA A 268 26.49 8.60 -12.76
N PHE A 269 26.61 7.81 -11.69
CA PHE A 269 27.46 8.19 -10.58
C PHE A 269 28.94 8.08 -10.92
N ALA A 270 29.31 7.27 -11.91
CA ALA A 270 30.70 7.12 -12.29
C ALA A 270 31.15 8.06 -13.40
N SER A 271 30.21 8.67 -14.13
CA SER A 271 30.53 9.58 -15.22
C SER A 271 30.94 10.98 -14.76
N TYR A 272 31.17 11.18 -13.46
CA TYR A 272 31.54 12.48 -12.93
C TYR A 272 33.00 12.58 -12.56
N ASN A 273 33.50 11.66 -11.74
CA ASN A 273 34.89 11.66 -11.32
C ASN A 273 35.54 10.34 -11.68
N LYS A 274 36.87 10.36 -11.78
CA LYS A 274 37.61 9.14 -12.14
C LYS A 274 37.68 8.17 -10.97
N PHE A 275 37.76 8.67 -9.74
CA PHE A 275 37.80 7.85 -8.53
C PHE A 275 38.94 6.84 -8.60
N ASN A 276 40.16 7.37 -8.64
CA ASN A 276 41.34 6.52 -8.78
C ASN A 276 41.59 5.70 -7.53
N ASN A 277 41.93 4.43 -7.73
CA ASN A 277 42.39 3.51 -6.68
C ASN A 277 41.32 3.21 -5.63
N ASN A 278 40.05 3.48 -5.93
CA ASN A 278 38.99 3.18 -4.97
C ASN A 278 37.73 2.60 -5.59
N CYS A 279 37.72 2.30 -6.90
CA CYS A 279 36.50 1.80 -7.54
C CYS A 279 36.11 0.44 -6.98
N TYR A 280 37.07 -0.50 -6.95
CA TYR A 280 36.79 -1.83 -6.43
C TYR A 280 36.38 -1.77 -4.96
N GLN A 281 37.05 -0.93 -4.18
CA GLN A 281 36.71 -0.80 -2.76
C GLN A 281 35.29 -0.28 -2.57
N ASP A 282 34.92 0.76 -3.31
CA ASP A 282 33.57 1.31 -3.20
C ASP A 282 32.53 0.29 -3.63
N ALA A 283 32.78 -0.43 -4.74
CA ALA A 283 31.83 -1.44 -5.18
C ALA A 283 31.66 -2.52 -4.13
N LEU A 284 32.77 -3.01 -3.57
CA LEU A 284 32.69 -4.07 -2.56
C LEU A 284 31.95 -3.59 -1.31
N VAL A 285 32.24 -2.37 -0.85
CA VAL A 285 31.62 -1.92 0.40
C VAL A 285 30.13 -1.66 0.20
N THR A 286 29.75 -1.10 -0.95
CA THR A 286 28.33 -0.87 -1.18
C THR A 286 27.58 -2.18 -1.36
N SER A 287 28.21 -3.18 -2.00
CA SER A 287 27.54 -4.46 -2.15
C SER A 287 27.38 -5.16 -0.81
N VAL A 288 28.42 -5.13 0.04
CA VAL A 288 28.31 -5.83 1.32
C VAL A 288 27.35 -5.09 2.24
N VAL A 289 27.28 -3.75 2.16
CA VAL A 289 26.33 -3.05 3.01
C VAL A 289 24.91 -3.27 2.53
N ASN A 290 24.70 -3.40 1.21
CA ASN A 290 23.37 -3.73 0.72
C ASN A 290 22.95 -5.13 1.17
N CYS A 291 23.86 -6.10 1.05
CA CYS A 291 23.56 -7.44 1.54
C CYS A 291 23.26 -7.44 3.04
N MET A 292 24.03 -6.65 3.80
CA MET A 292 23.84 -6.61 5.25
C MET A 292 22.49 -5.99 5.61
N THR A 293 22.12 -4.88 4.97
CA THR A 293 20.83 -4.27 5.30
C THR A 293 19.67 -5.15 4.84
N SER A 294 19.82 -5.85 3.71
CA SER A 294 18.76 -6.78 3.29
C SER A 294 18.61 -7.92 4.29
N PHE A 295 19.74 -8.47 4.76
CA PHE A 295 19.69 -9.54 5.74
C PHE A 295 19.07 -9.05 7.05
N VAL A 296 19.41 -7.84 7.47
CA VAL A 296 18.86 -7.30 8.72
C VAL A 296 17.36 -7.07 8.58
N SER A 297 16.91 -6.56 7.44
CA SER A 297 15.48 -6.36 7.22
C SER A 297 14.74 -7.69 7.24
N GLY A 298 15.25 -8.69 6.52
CA GLY A 298 14.62 -10.00 6.57
C GLY A 298 14.60 -10.59 7.97
N PHE A 299 15.69 -10.40 8.71
CA PHE A 299 15.77 -10.92 10.08
C PHE A 299 14.71 -10.30 10.97
N VAL A 300 14.60 -8.97 10.94
CA VAL A 300 13.63 -8.30 11.82
C VAL A 300 12.20 -8.61 11.37
N ILE A 301 11.98 -8.74 10.06
CA ILE A 301 10.65 -9.06 9.56
C ILE A 301 10.23 -10.44 10.03
N PHE A 302 11.13 -11.42 9.91
CA PHE A 302 10.79 -12.78 10.34
C PHE A 302 10.68 -12.86 11.86
N THR A 303 11.44 -12.05 12.59
CA THR A 303 11.30 -12.02 14.04
C THR A 303 9.93 -11.49 14.44
N VAL A 304 9.48 -10.41 13.80
CA VAL A 304 8.15 -9.86 14.10
C VAL A 304 7.07 -10.85 13.69
N LEU A 305 7.28 -11.56 12.57
CA LEU A 305 6.30 -12.54 12.12
C LEU A 305 6.19 -13.70 13.10
N GLY A 306 7.34 -14.18 13.61
CA GLY A 306 7.31 -15.24 14.60
C GLY A 306 6.70 -14.80 15.91
N TYR A 307 6.96 -13.56 16.31
CA TYR A 307 6.32 -13.03 17.51
C TYR A 307 4.81 -12.98 17.35
N MET A 308 4.33 -12.50 16.20
CA MET A 308 2.90 -12.46 15.94
C MET A 308 2.29 -13.86 15.90
N ALA A 309 3.01 -14.81 15.31
CA ALA A 309 2.51 -16.18 15.26
C ALA A 309 2.43 -16.80 16.65
N GLU A 310 3.41 -16.54 17.50
CA GLU A 310 3.38 -17.06 18.86
C GLU A 310 2.28 -16.40 19.68
N MET A 311 2.03 -15.11 19.43
CA MET A 311 0.95 -14.43 20.13
C MET A 311 -0.42 -14.94 19.68
N ARG A 312 -0.55 -15.28 18.39
CA ARG A 312 -1.80 -15.81 17.85
C ARG A 312 -1.97 -17.30 18.12
N ASN A 313 -0.91 -17.99 18.56
CA ASN A 313 -0.94 -19.42 18.82
C ASN A 313 -1.27 -20.20 17.54
N GLU A 314 -0.47 -19.95 16.52
CA GLU A 314 -0.64 -20.60 15.22
C GLU A 314 0.71 -20.68 14.54
N ASP A 315 0.80 -21.57 13.54
CA ASP A 315 2.06 -21.75 12.82
C ASP A 315 2.38 -20.51 12.00
N VAL A 316 3.67 -20.37 11.66
CA VAL A 316 4.12 -19.16 10.99
C VAL A 316 3.81 -19.21 9.49
N SER A 317 3.75 -20.39 8.89
CA SER A 317 3.58 -20.52 7.45
C SER A 317 2.16 -20.28 6.98
N GLU A 318 1.22 -19.99 7.89
CA GLU A 318 -0.18 -19.80 7.51
C GLU A 318 -0.69 -18.38 7.70
N VAL A 319 0.06 -17.52 8.37
CA VAL A 319 -0.38 -16.14 8.55
C VAL A 319 -0.07 -15.35 7.29
N ALA A 320 -1.09 -14.74 6.69
CA ALA A 320 -0.96 -13.91 5.50
C ALA A 320 -0.31 -14.68 4.36
N LYS A 321 -1.01 -15.74 3.93
CA LYS A 321 -0.51 -16.55 2.82
C LYS A 321 -0.75 -15.86 1.48
N ASP A 322 -2.01 -15.57 1.17
CA ASP A 322 -2.36 -14.93 -0.09
C ASP A 322 -1.99 -13.46 -0.14
N ALA A 323 -1.52 -12.88 0.98
CA ALA A 323 -1.14 -11.48 1.00
C ALA A 323 0.12 -11.26 0.16
N GLY A 324 0.10 -10.23 -0.68
CA GLY A 324 1.23 -9.91 -1.52
C GLY A 324 2.16 -8.92 -0.84
N PRO A 325 2.32 -7.74 -1.43
CA PRO A 325 3.17 -6.71 -0.82
C PRO A 325 2.62 -6.11 0.46
N SER A 326 1.41 -6.51 0.88
CA SER A 326 0.83 -5.97 2.10
C SER A 326 1.55 -6.43 3.35
N LEU A 327 2.28 -7.55 3.27
CA LEU A 327 2.90 -8.19 4.44
C LEU A 327 3.52 -7.20 5.41
N LEU A 328 4.38 -6.30 4.91
CA LEU A 328 5.00 -5.31 5.77
C LEU A 328 3.95 -4.41 6.40
N PHE A 329 3.13 -3.76 5.57
CA PHE A 329 2.18 -2.77 6.05
C PHE A 329 1.15 -3.34 7.02
N ILE A 330 0.96 -4.66 7.03
CA ILE A 330 0.03 -5.29 7.96
C ILE A 330 0.73 -5.80 9.21
N THR A 331 1.83 -6.54 9.05
CA THR A 331 2.51 -7.10 10.21
C THR A 331 3.13 -6.02 11.08
N TYR A 332 3.84 -5.06 10.46
CA TYR A 332 4.43 -3.99 11.26
C TYR A 332 3.36 -3.11 11.90
N ALA A 333 2.24 -2.89 11.21
CA ALA A 333 1.15 -2.13 11.80
C ALA A 333 0.58 -2.84 13.03
N GLU A 334 0.35 -4.14 12.92
CA GLU A 334 -0.13 -4.90 14.08
C GLU A 334 0.89 -4.90 15.21
N ALA A 335 2.18 -4.98 14.87
CA ALA A 335 3.21 -4.96 15.89
C ALA A 335 3.24 -3.64 16.64
N ILE A 336 3.15 -2.52 15.90
CA ILE A 336 3.13 -1.21 16.55
C ILE A 336 1.86 -1.03 17.37
N ALA A 337 0.73 -1.55 16.88
CA ALA A 337 -0.52 -1.46 17.64
C ALA A 337 -0.45 -2.27 18.92
N ASN A 338 0.26 -3.39 18.91
CA ASN A 338 0.42 -4.20 20.12
C ASN A 338 1.49 -3.65 21.05
N MET A 339 2.45 -2.89 20.54
CA MET A 339 3.50 -2.34 21.38
C MET A 339 2.94 -1.23 22.27
N PRO A 340 3.29 -1.21 23.56
CA PRO A 340 2.82 -0.13 24.44
C PRO A 340 3.52 1.21 24.20
N ALA A 341 4.51 1.27 23.32
CA ALA A 341 5.24 2.48 23.02
C ALA A 341 4.91 3.01 21.63
N SER A 342 3.63 2.98 21.27
CA SER A 342 3.20 3.39 19.95
C SER A 342 3.25 4.90 19.81
N THR A 343 2.78 5.39 18.65
CA THR A 343 2.66 6.81 18.31
C THR A 343 4.05 7.40 18.03
N PHE A 344 5.10 6.64 18.31
CA PHE A 344 6.47 7.03 18.00
C PHE A 344 7.15 6.06 17.05
N PHE A 345 7.04 4.76 17.32
CA PHE A 345 7.69 3.76 16.46
C PHE A 345 7.10 3.77 15.06
N ALA A 346 5.78 3.86 14.95
CA ALA A 346 5.15 3.93 13.64
C ALA A 346 5.60 5.17 12.89
N ILE A 347 5.70 6.31 13.59
CA ILE A 347 6.11 7.55 12.94
C ILE A 347 7.54 7.45 12.43
N ILE A 348 8.44 6.92 13.26
CA ILE A 348 9.84 6.85 12.83
C ILE A 348 10.01 5.81 11.73
N PHE A 349 9.24 4.72 11.74
CA PHE A 349 9.33 3.74 10.67
C PHE A 349 8.79 4.30 9.36
N PHE A 350 7.69 5.06 9.42
CA PHE A 350 7.17 5.68 8.21
C PHE A 350 8.13 6.74 7.68
N LEU A 351 8.80 7.48 8.56
CA LEU A 351 9.81 8.42 8.11
C LEU A 351 10.99 7.69 7.46
N MET A 352 11.41 6.58 8.04
CA MET A 352 12.42 5.73 7.43
C MET A 352 12.03 5.34 6.01
N LEU A 353 10.83 4.77 5.86
CA LEU A 353 10.38 4.34 4.53
C LEU A 353 10.31 5.51 3.57
N ILE A 354 9.84 6.66 4.05
CA ILE A 354 9.68 7.83 3.18
C ILE A 354 11.03 8.30 2.67
N THR A 355 12.00 8.48 3.56
CA THR A 355 13.31 8.98 3.12
C THR A 355 14.03 7.94 2.27
N LEU A 356 13.86 6.65 2.58
CA LEU A 356 14.50 5.61 1.79
C LEU A 356 13.96 5.61 0.37
N GLY A 357 12.64 5.57 0.22
CA GLY A 357 12.04 5.63 -1.10
C GLY A 357 12.37 6.90 -1.84
N LEU A 358 12.45 8.03 -1.12
CA LEU A 358 12.81 9.29 -1.76
C LEU A 358 14.20 9.22 -2.36
N ASP A 359 15.20 8.80 -1.58
CA ASP A 359 16.55 8.74 -2.11
C ASP A 359 16.65 7.71 -3.24
N SER A 360 15.92 6.59 -3.12
CA SER A 360 15.94 5.57 -4.15
C SER A 360 15.42 6.12 -5.47
N THR A 361 14.20 6.66 -5.46
CA THR A 361 13.62 7.18 -6.70
C THR A 361 14.38 8.40 -7.20
N PHE A 362 15.01 9.15 -6.31
CA PHE A 362 15.80 10.30 -6.73
C PHE A 362 17.03 9.87 -7.50
N ALA A 363 17.76 8.89 -6.97
CA ALA A 363 18.90 8.35 -7.70
C ALA A 363 18.46 7.71 -9.01
N GLY A 364 17.34 6.99 -8.99
CA GLY A 364 16.85 6.36 -10.20
C GLY A 364 16.50 7.34 -11.29
N LEU A 365 15.87 8.46 -10.92
CA LEU A 365 15.53 9.48 -11.90
C LEU A 365 16.76 10.25 -12.36
N GLU A 366 17.70 10.51 -11.46
CA GLU A 366 18.92 11.22 -11.85
C GLU A 366 19.75 10.39 -12.82
N GLY A 367 19.76 9.07 -12.64
CA GLY A 367 20.50 8.20 -13.55
C GLY A 367 20.03 8.25 -14.98
N VAL A 368 18.82 8.76 -15.23
CA VAL A 368 18.29 8.90 -16.57
C VAL A 368 18.37 10.37 -17.00
N ILE A 369 18.19 11.28 -16.04
CA ILE A 369 18.23 12.69 -16.33
C ILE A 369 19.63 13.14 -16.75
N THR A 370 20.68 12.65 -16.09
CA THR A 370 22.04 13.02 -16.46
C THR A 370 22.55 12.25 -17.67
N ALA A 371 21.83 11.21 -18.12
CA ALA A 371 22.20 10.50 -19.33
C ALA A 371 21.53 11.07 -20.57
N VAL A 372 20.23 11.41 -20.46
CA VAL A 372 19.54 12.02 -21.59
C VAL A 372 20.12 13.40 -21.90
N LEU A 373 20.60 14.13 -20.87
CA LEU A 373 21.22 15.42 -21.11
C LEU A 373 22.55 15.26 -21.84
N ASP A 374 23.35 14.27 -21.44
CA ASP A 374 24.59 13.99 -22.16
C ASP A 374 24.32 13.53 -23.58
N GLU A 375 23.18 12.85 -23.81
CA GLU A 375 22.82 12.44 -25.16
C GLU A 375 22.41 13.64 -26.01
N PHE A 376 21.62 14.57 -25.44
CA PHE A 376 21.14 15.73 -26.17
C PHE A 376 21.85 16.99 -25.68
N PRO A 377 22.91 17.44 -26.35
CA PRO A 377 23.59 18.66 -25.90
C PRO A 377 22.77 19.92 -26.09
N HIS A 378 21.94 19.97 -27.15
CA HIS A 378 21.10 21.14 -27.36
C HIS A 378 20.11 21.34 -26.21
N VAL A 379 19.75 20.25 -25.53
CA VAL A 379 18.93 20.35 -24.32
C VAL A 379 19.79 20.62 -23.10
N TRP A 380 20.87 19.87 -22.94
CA TRP A 380 21.77 20.04 -21.79
C TRP A 380 22.32 21.46 -21.68
N ALA A 381 22.31 22.21 -22.78
CA ALA A 381 22.81 23.58 -22.75
C ALA A 381 21.97 24.44 -21.82
N LYS A 382 20.68 24.58 -22.09
CA LYS A 382 19.84 25.50 -21.34
C LYS A 382 18.54 24.88 -20.82
N ARG A 383 18.01 23.89 -21.53
CA ARG A 383 16.65 23.40 -21.26
C ARG A 383 16.63 22.27 -20.23
N ARG A 384 17.62 22.21 -19.34
CA ARG A 384 17.66 21.15 -18.34
C ARG A 384 16.44 21.19 -17.43
N GLU A 385 16.11 22.38 -16.90
CA GLU A 385 14.98 22.50 -16.01
C GLU A 385 13.66 22.22 -16.73
N ARG A 386 13.54 22.69 -17.98
CA ARG A 386 12.32 22.42 -18.73
C ARG A 386 12.15 20.93 -18.99
N PHE A 387 13.25 20.24 -19.31
CA PHE A 387 13.15 18.82 -19.59
C PHE A 387 12.88 18.02 -18.32
N VAL A 388 13.43 18.44 -17.18
CA VAL A 388 13.15 17.72 -15.94
C VAL A 388 11.71 17.97 -15.50
N LEU A 389 11.17 19.17 -15.77
CA LEU A 389 9.76 19.42 -15.52
C LEU A 389 8.88 18.56 -16.42
N ALA A 390 9.25 18.43 -17.69
CA ALA A 390 8.48 17.60 -18.61
C ALA A 390 8.54 16.13 -18.20
N VAL A 391 9.70 15.67 -17.71
CA VAL A 391 9.81 14.28 -17.30
C VAL A 391 9.04 14.04 -16.00
N VAL A 392 8.97 15.04 -15.12
CA VAL A 392 8.12 14.93 -13.94
C VAL A 392 6.65 14.84 -14.36
N ILE A 393 6.26 15.65 -15.34
CA ILE A 393 4.88 15.62 -15.84
C ILE A 393 4.55 14.25 -16.42
N THR A 394 5.43 13.73 -17.26
CA THR A 394 5.15 12.43 -17.87
C THR A 394 5.21 11.30 -16.85
N CYS A 395 6.05 11.43 -15.82
CA CYS A 395 6.11 10.41 -14.77
C CYS A 395 4.82 10.38 -13.96
N PHE A 396 4.31 11.55 -13.57
CA PHE A 396 3.05 11.56 -12.83
C PHE A 396 1.87 11.19 -13.72
N PHE A 397 1.93 11.50 -15.02
CA PHE A 397 0.89 11.04 -15.93
C PHE A 397 0.88 9.52 -16.02
N GLY A 398 2.06 8.90 -16.10
CA GLY A 398 2.13 7.45 -16.13
C GLY A 398 1.72 6.81 -14.82
N SER A 399 2.02 7.48 -13.69
CA SER A 399 1.64 6.94 -12.38
C SER A 399 0.17 7.17 -12.06
N LEU A 400 -0.49 8.10 -12.75
CA LEU A 400 -1.92 8.32 -12.52
C LEU A 400 -2.73 7.09 -12.92
N VAL A 401 -2.32 6.41 -14.00
CA VAL A 401 -3.09 5.26 -14.47
C VAL A 401 -3.02 4.10 -13.49
N THR A 402 -2.03 4.06 -12.61
CA THR A 402 -1.94 3.01 -11.60
C THR A 402 -2.34 3.49 -10.21
N LEU A 403 -2.41 4.81 -9.99
CA LEU A 403 -2.85 5.34 -8.70
C LEU A 403 -4.36 5.56 -8.67
N THR A 404 -4.88 6.32 -9.65
CA THR A 404 -6.30 6.63 -9.68
C THR A 404 -7.17 5.40 -9.91
N PHE A 405 -6.59 4.32 -10.46
CA PHE A 405 -7.36 3.11 -10.69
C PHE A 405 -7.85 2.49 -9.39
N GLY A 406 -7.19 2.77 -8.27
CA GLY A 406 -7.63 2.22 -6.99
C GLY A 406 -7.47 0.73 -6.86
N GLY A 407 -6.44 0.16 -7.47
CA GLY A 407 -6.22 -1.27 -7.42
C GLY A 407 -4.76 -1.67 -7.41
N ALA A 408 -4.39 -2.56 -6.48
CA ALA A 408 -3.02 -3.05 -6.39
C ALA A 408 -2.74 -4.19 -7.36
N TYR A 409 -3.71 -4.57 -8.20
CA TYR A 409 -3.49 -5.63 -9.16
C TYR A 409 -2.46 -5.22 -10.22
N VAL A 410 -2.63 -4.03 -10.78
CA VAL A 410 -1.65 -3.53 -11.74
C VAL A 410 -0.30 -3.27 -11.05
N VAL A 411 -0.33 -2.92 -9.76
CA VAL A 411 0.91 -2.73 -9.02
C VAL A 411 1.67 -4.05 -8.92
N LYS A 412 0.98 -5.13 -8.57
CA LYS A 412 1.61 -6.43 -8.51
C LYS A 412 2.08 -6.89 -9.90
N LEU A 413 1.29 -6.59 -10.93
CA LEU A 413 1.67 -6.93 -12.28
C LEU A 413 2.98 -6.26 -12.68
N LEU A 414 3.10 -4.95 -12.39
CA LEU A 414 4.35 -4.24 -12.68
C LEU A 414 5.49 -4.74 -11.80
N GLU A 415 5.20 -5.12 -10.56
CA GLU A 415 6.24 -5.65 -9.69
C GLU A 415 6.79 -6.98 -10.20
N GLU A 416 5.94 -7.81 -10.79
CA GLU A 416 6.35 -9.14 -11.23
C GLU A 416 6.71 -9.20 -12.71
N TYR A 417 6.49 -8.14 -13.47
CA TYR A 417 6.73 -8.17 -14.92
C TYR A 417 7.70 -7.11 -15.42
N ALA A 418 7.82 -5.97 -14.74
CA ALA A 418 8.64 -4.88 -15.25
C ALA A 418 10.11 -5.02 -14.88
N THR A 419 10.40 -5.39 -13.62
CA THR A 419 11.78 -5.52 -13.15
C THR A 419 12.32 -6.94 -13.31
N GLY A 420 11.83 -7.70 -14.29
CA GLY A 420 12.24 -9.07 -14.47
C GLY A 420 12.99 -9.30 -15.76
N PRO A 421 12.35 -10.01 -16.70
CA PRO A 421 13.05 -10.42 -17.92
C PRO A 421 13.55 -9.26 -18.76
N ALA A 422 12.88 -8.10 -18.74
CA ALA A 422 13.33 -6.97 -19.54
C ALA A 422 14.69 -6.46 -19.06
N VAL A 423 14.79 -6.14 -17.78
CA VAL A 423 16.08 -5.66 -17.25
C VAL A 423 17.10 -6.79 -17.24
N LEU A 424 16.65 -8.05 -17.15
CA LEU A 424 17.59 -9.17 -17.25
C LEU A 424 18.22 -9.23 -18.62
N THR A 425 17.41 -9.09 -19.68
CA THR A 425 17.95 -9.06 -21.04
C THR A 425 18.82 -7.83 -21.26
N VAL A 426 18.45 -6.69 -20.64
CA VAL A 426 19.29 -5.50 -20.75
C VAL A 426 20.68 -5.76 -20.16
N ALA A 427 20.71 -6.34 -18.96
CA ALA A 427 21.99 -6.66 -18.34
C ALA A 427 22.76 -7.69 -19.16
N LEU A 428 22.06 -8.67 -19.75
CA LEU A 428 22.73 -9.69 -20.55
C LEU A 428 23.37 -9.09 -21.79
N ILE A 429 22.64 -8.21 -22.50
CA ILE A 429 23.20 -7.62 -23.71
C ILE A 429 24.34 -6.67 -23.37
N GLU A 430 24.21 -5.94 -22.26
CA GLU A 430 25.31 -5.07 -21.82
C GLU A 430 26.56 -5.89 -21.51
N ALA A 431 26.38 -7.01 -20.79
CA ALA A 431 27.53 -7.83 -20.43
C ALA A 431 28.16 -8.48 -21.65
N VAL A 432 27.35 -8.97 -22.59
CA VAL A 432 27.92 -9.61 -23.77
C VAL A 432 28.59 -8.59 -24.66
N ALA A 433 28.10 -7.35 -24.69
CA ALA A 433 28.75 -6.30 -25.47
C ALA A 433 30.07 -5.88 -24.84
N VAL A 434 30.12 -5.81 -23.52
CA VAL A 434 31.35 -5.39 -22.86
C VAL A 434 32.38 -6.51 -22.77
N SER A 435 31.95 -7.77 -22.88
CA SER A 435 32.86 -8.91 -22.76
C SER A 435 33.27 -9.49 -24.11
N TRP A 436 32.30 -9.92 -24.92
CA TRP A 436 32.61 -10.60 -26.16
C TRP A 436 33.00 -9.62 -27.26
N PHE A 437 32.12 -8.64 -27.52
CA PHE A 437 32.40 -7.66 -28.58
C PHE A 437 33.58 -6.77 -28.21
N TYR A 438 33.48 -6.09 -27.07
CA TYR A 438 34.59 -5.26 -26.59
C TYR A 438 35.59 -6.15 -25.85
N GLY A 439 36.85 -6.08 -26.26
CA GLY A 439 37.88 -6.92 -25.70
C GLY A 439 38.13 -6.71 -24.23
N ILE A 440 37.99 -7.78 -23.44
CA ILE A 440 38.23 -7.69 -22.00
C ILE A 440 39.69 -7.34 -21.71
N THR A 441 40.61 -7.82 -22.56
CA THR A 441 42.02 -7.52 -22.37
C THR A 441 42.30 -6.03 -22.40
N GLN A 442 41.90 -5.37 -23.50
CA GLN A 442 42.08 -3.93 -23.59
C GLN A 442 41.14 -3.16 -22.67
N PHE A 443 40.09 -3.81 -22.17
CA PHE A 443 39.22 -3.16 -21.19
C PHE A 443 39.90 -3.07 -19.84
N CYS A 444 40.65 -4.11 -19.45
CA CYS A 444 41.32 -4.12 -18.16
C CYS A 444 42.73 -3.53 -18.21
N ARG A 445 43.34 -3.45 -19.40
CA ARG A 445 44.71 -2.96 -19.51
C ARG A 445 44.87 -1.52 -19.05
N ASP A 446 43.77 -0.79 -18.86
CA ASP A 446 43.80 0.55 -18.29
C ASP A 446 43.30 0.61 -16.86
N VAL A 447 42.18 -0.08 -16.56
CA VAL A 447 41.66 -0.08 -15.21
C VAL A 447 42.62 -0.72 -14.22
N LYS A 448 43.51 -1.60 -14.69
CA LYS A 448 44.51 -2.19 -13.81
C LYS A 448 45.36 -1.12 -13.14
N GLU A 449 46.00 -0.26 -13.95
CA GLU A 449 46.79 0.83 -13.39
C GLU A 449 45.91 1.96 -12.87
N MET A 450 44.63 2.02 -13.28
CA MET A 450 43.74 3.03 -12.73
C MET A 450 43.41 2.74 -11.26
N LEU A 451 43.23 1.47 -10.92
CA LEU A 451 42.87 1.09 -9.55
C LEU A 451 44.06 0.60 -8.75
N GLY A 452 45.22 0.37 -9.38
CA GLY A 452 46.43 0.00 -8.68
C GLY A 452 46.71 -1.49 -8.63
N PHE A 453 45.67 -2.32 -8.58
CA PHE A 453 45.82 -3.76 -8.50
C PHE A 453 45.44 -4.41 -9.82
N SER A 454 45.67 -5.73 -9.89
CA SER A 454 45.38 -6.50 -11.09
C SER A 454 44.05 -7.21 -10.93
N PRO A 455 43.07 -6.94 -11.78
CA PRO A 455 41.77 -7.62 -11.66
C PRO A 455 41.76 -8.99 -12.31
N GLY A 456 42.94 -9.53 -12.62
CA GLY A 456 43.01 -10.79 -13.33
C GLY A 456 42.72 -12.00 -12.46
N TRP A 457 42.52 -13.13 -13.13
CA TRP A 457 42.37 -14.45 -12.53
C TRP A 457 41.02 -14.62 -11.84
N PHE A 458 40.26 -13.54 -11.70
CA PHE A 458 38.89 -13.64 -11.18
C PHE A 458 37.87 -13.11 -12.18
N TRP A 459 38.02 -11.87 -12.64
CA TRP A 459 37.05 -11.30 -13.57
C TRP A 459 37.36 -11.69 -15.02
N ARG A 460 38.63 -11.96 -15.33
CA ARG A 460 38.98 -12.45 -16.66
C ARG A 460 38.31 -13.77 -16.96
N ILE A 461 37.93 -14.53 -15.94
CA ILE A 461 37.19 -15.76 -16.11
C ILE A 461 35.73 -15.63 -15.69
N CYS A 462 35.37 -14.63 -14.90
CA CYS A 462 33.99 -14.47 -14.47
C CYS A 462 33.14 -13.71 -15.49
N TRP A 463 33.71 -12.71 -16.16
CA TRP A 463 32.95 -11.87 -17.07
C TRP A 463 32.68 -12.54 -18.42
N VAL A 464 33.29 -13.69 -18.70
CA VAL A 464 33.24 -14.28 -20.03
C VAL A 464 32.27 -15.45 -20.09
N ALA A 465 32.29 -16.35 -19.09
CA ALA A 465 31.50 -17.58 -19.17
C ALA A 465 30.43 -17.66 -18.08
N ILE A 466 30.81 -17.57 -16.80
CA ILE A 466 29.88 -17.95 -15.74
C ILE A 466 28.78 -16.90 -15.57
N SER A 467 29.14 -15.61 -15.65
CA SER A 467 28.11 -14.57 -15.48
C SER A 467 27.10 -14.58 -16.63
N PRO A 468 27.51 -14.56 -17.90
CA PRO A 468 26.49 -14.65 -18.96
C PRO A 468 25.77 -15.99 -18.98
N LEU A 469 26.42 -17.07 -18.56
CA LEU A 469 25.74 -18.35 -18.49
C LEU A 469 24.62 -18.32 -17.46
N PHE A 470 24.91 -17.81 -16.26
CA PHE A 470 23.87 -17.68 -15.24
C PHE A 470 22.77 -16.73 -15.69
N LEU A 471 23.15 -15.63 -16.35
CA LEU A 471 22.15 -14.68 -16.85
C LEU A 471 21.21 -15.35 -17.84
N LEU A 472 21.76 -16.05 -18.83
CA LEU A 472 20.94 -16.72 -19.83
C LEU A 472 20.08 -17.81 -19.20
N PHE A 473 20.62 -18.51 -18.20
CA PHE A 473 19.84 -19.55 -17.52
C PHE A 473 18.64 -18.94 -16.79
N ILE A 474 18.88 -17.83 -16.07
CA ILE A 474 17.77 -17.17 -15.37
C ILE A 474 16.73 -16.67 -16.37
N ILE A 475 17.19 -16.10 -17.50
CA ILE A 475 16.25 -15.57 -18.48
C ILE A 475 15.43 -16.69 -19.11
N CYS A 476 16.07 -17.81 -19.44
CA CYS A 476 15.35 -18.93 -20.03
C CYS A 476 14.37 -19.55 -19.05
N SER A 477 14.76 -19.64 -17.77
CA SER A 477 13.83 -20.16 -16.77
C SER A 477 12.64 -19.23 -16.59
N PHE A 478 12.88 -17.92 -16.61
CA PHE A 478 11.78 -16.97 -16.53
C PHE A 478 10.85 -17.09 -17.73
N LEU A 479 11.41 -17.26 -18.92
CA LEU A 479 10.58 -17.35 -20.13
C LEU A 479 9.83 -18.68 -20.19
N MET A 480 10.38 -19.73 -19.60
CA MET A 480 9.73 -21.04 -19.65
C MET A 480 8.73 -21.26 -18.53
N SER A 481 8.93 -20.64 -17.37
CA SER A 481 8.03 -20.84 -16.23
C SER A 481 6.89 -19.82 -16.30
N PRO A 482 5.65 -20.27 -16.38
CA PRO A 482 4.53 -19.33 -16.41
C PRO A 482 4.37 -18.63 -15.07
N PRO A 483 4.48 -17.30 -15.04
CA PRO A 483 4.35 -16.54 -13.77
C PRO A 483 2.92 -16.37 -13.30
N GLN A 484 2.41 -17.39 -12.60
CA GLN A 484 1.08 -17.32 -12.03
C GLN A 484 1.04 -16.33 -10.88
N LEU A 485 0.02 -15.48 -10.86
CA LEU A 485 -0.12 -14.45 -9.84
C LEU A 485 -1.44 -14.60 -9.10
N ARG A 486 -1.41 -14.35 -7.80
CA ARG A 486 -2.61 -14.32 -6.97
C ARG A 486 -2.45 -13.21 -5.94
N LEU A 487 -3.52 -12.47 -5.70
CA LEU A 487 -3.47 -11.34 -4.79
C LEU A 487 -4.87 -11.04 -4.29
N PHE A 488 -5.07 -11.13 -2.97
CA PHE A 488 -6.35 -10.82 -2.33
C PHE A 488 -7.49 -11.66 -2.93
N GLN A 489 -7.23 -12.96 -3.05
CA GLN A 489 -8.21 -13.92 -3.56
C GLN A 489 -8.71 -13.52 -4.95
N TYR A 490 -7.77 -13.30 -5.86
CA TYR A 490 -8.10 -12.89 -7.23
C TYR A 490 -7.07 -13.50 -8.16
N ASN A 491 -7.50 -14.42 -9.01
CA ASN A 491 -6.61 -15.06 -9.96
C ASN A 491 -6.46 -14.18 -11.21
N TYR A 492 -5.22 -13.97 -11.61
CA TYR A 492 -4.96 -13.13 -12.78
C TYR A 492 -5.35 -13.88 -14.06
N PRO A 493 -6.27 -13.35 -14.85
CA PRO A 493 -6.75 -14.08 -16.03
C PRO A 493 -5.68 -14.17 -17.13
N TYR A 494 -5.99 -15.02 -18.11
CA TYR A 494 -5.08 -15.26 -19.21
C TYR A 494 -4.85 -14.00 -20.04
N TRP A 495 -5.86 -13.13 -20.13
CA TRP A 495 -5.66 -11.87 -20.85
C TRP A 495 -4.67 -10.97 -20.12
N SER A 496 -4.71 -10.96 -18.79
CA SER A 496 -3.72 -10.20 -18.03
C SER A 496 -2.33 -10.81 -18.19
N ILE A 497 -2.24 -12.14 -18.20
CA ILE A 497 -0.95 -12.80 -18.41
C ILE A 497 -0.39 -12.43 -19.78
N ILE A 498 -1.24 -12.40 -20.80
CA ILE A 498 -0.81 -12.07 -22.15
C ILE A 498 -0.38 -10.60 -22.23
N LEU A 499 -1.11 -9.71 -21.55
CA LEU A 499 -0.73 -8.31 -21.54
C LEU A 499 0.61 -8.11 -20.85
N GLY A 500 0.84 -8.82 -19.74
CA GLY A 500 2.13 -8.74 -19.07
C GLY A 500 3.26 -9.26 -19.93
N TYR A 501 3.06 -10.39 -20.60
CA TYR A 501 4.07 -10.92 -21.50
C TYR A 501 4.35 -9.94 -22.64
N CYS A 502 3.31 -9.31 -23.18
CA CYS A 502 3.48 -8.37 -24.28
C CYS A 502 4.24 -7.13 -23.85
N ILE A 503 3.93 -6.59 -22.67
CA ILE A 503 4.63 -5.39 -22.22
C ILE A 503 6.07 -5.74 -21.84
N GLY A 504 6.31 -6.95 -21.31
CA GLY A 504 7.68 -7.35 -21.02
C GLY A 504 8.50 -7.57 -22.27
N THR A 505 7.86 -8.03 -23.34
CA THR A 505 8.55 -8.21 -24.61
C THR A 505 8.82 -6.88 -25.31
N SER A 506 7.85 -5.96 -25.27
CA SER A 506 8.00 -4.67 -25.93
C SER A 506 8.83 -3.68 -25.12
N SER A 507 9.06 -3.96 -23.84
CA SER A 507 9.88 -3.06 -23.03
C SER A 507 11.34 -3.04 -23.47
N PHE A 508 11.79 -4.05 -24.22
CA PHE A 508 13.18 -4.10 -24.69
C PHE A 508 13.28 -4.31 -26.19
N ILE A 509 12.18 -4.19 -26.93
CA ILE A 509 12.23 -4.32 -28.39
C ILE A 509 12.90 -3.13 -29.05
N CYS A 510 13.14 -2.05 -28.30
CA CYS A 510 13.79 -0.88 -28.88
C CYS A 510 15.23 -1.17 -29.29
N ILE A 511 15.92 -2.05 -28.57
CA ILE A 511 17.29 -2.40 -28.91
C ILE A 511 17.33 -3.14 -30.24
N PRO A 512 16.53 -4.20 -30.46
CA PRO A 512 16.53 -4.83 -31.79
C PRO A 512 16.00 -3.92 -32.89
N THR A 513 15.01 -3.06 -32.61
CA THR A 513 14.55 -2.17 -33.66
C THR A 513 15.60 -1.12 -34.01
N TYR A 514 16.43 -0.72 -33.05
CA TYR A 514 17.52 0.19 -33.35
C TYR A 514 18.63 -0.53 -34.11
N ILE A 515 18.88 -1.79 -33.79
CA ILE A 515 19.82 -2.59 -34.58
C ILE A 515 19.35 -2.68 -36.03
N ALA A 516 18.04 -2.91 -36.22
CA ALA A 516 17.49 -2.97 -37.56
C ALA A 516 17.62 -1.63 -38.28
N TYR A 517 17.29 -0.53 -37.60
CA TYR A 517 17.44 0.79 -38.19
C TYR A 517 18.89 1.06 -38.60
N ARG A 518 19.84 0.66 -37.75
CA ARG A 518 21.25 0.88 -38.08
C ARG A 518 21.69 0.05 -39.27
N LEU A 519 21.25 -1.22 -39.33
CA LEU A 519 21.68 -2.07 -40.43
C LEU A 519 21.00 -1.69 -41.74
N ILE A 520 19.82 -1.06 -41.68
CA ILE A 520 19.19 -0.60 -42.91
C ILE A 520 19.65 0.79 -43.32
N ILE A 521 20.17 1.59 -42.39
CA ILE A 521 20.72 2.89 -42.74
C ILE A 521 22.19 2.80 -43.14
N THR A 522 22.90 1.74 -42.77
CA THR A 522 24.28 1.54 -43.18
C THR A 522 24.31 0.87 -44.54
N PRO A 523 24.91 1.47 -45.56
CA PRO A 523 24.91 0.87 -46.89
C PRO A 523 25.99 -0.18 -47.06
N GLY A 524 25.85 -0.97 -48.12
CA GLY A 524 26.80 -1.99 -48.48
C GLY A 524 26.28 -3.39 -48.18
N THR A 525 27.16 -4.37 -48.33
CA THR A 525 26.84 -5.74 -47.99
C THR A 525 26.85 -5.92 -46.47
N PHE A 526 26.30 -7.06 -46.02
CA PHE A 526 26.15 -7.29 -44.59
C PHE A 526 27.50 -7.37 -43.88
N LYS A 527 28.47 -8.03 -44.50
CA LYS A 527 29.78 -8.22 -43.87
C LYS A 527 30.47 -6.88 -43.62
N GLU A 528 30.67 -6.10 -44.68
CA GLU A 528 31.31 -4.79 -44.51
C GLU A 528 30.45 -3.88 -43.65
N ARG A 529 29.12 -4.00 -43.74
CA ARG A 529 28.21 -3.23 -42.90
C ARG A 529 28.53 -3.44 -41.42
N ILE A 530 28.55 -4.69 -40.99
CA ILE A 530 28.77 -4.96 -39.57
C ILE A 530 30.20 -4.60 -39.18
N ILE A 531 31.19 -5.02 -39.99
CA ILE A 531 32.58 -4.80 -39.58
C ILE A 531 32.99 -3.34 -39.62
N LYS A 532 32.21 -2.48 -40.28
CA LYS A 532 32.46 -1.05 -40.22
C LYS A 532 31.49 -0.31 -39.31
N SER A 533 30.43 -0.97 -38.84
CA SER A 533 29.52 -0.34 -37.90
C SER A 533 29.91 -0.59 -36.45
N ILE A 534 30.36 -1.79 -36.11
CA ILE A 534 30.78 -2.08 -34.72
C ILE A 534 32.25 -1.71 -34.64
N THR A 535 32.49 -0.41 -34.42
CA THR A 535 33.85 0.12 -34.28
C THR A 535 33.90 1.05 -33.07
N PRO A 536 34.68 0.71 -32.03
CA PRO A 536 34.79 1.60 -30.87
C PRO A 536 35.52 2.89 -31.20
N GLU A 537 34.81 4.01 -31.16
CA GLU A 537 35.40 5.31 -31.48
C GLU A 537 36.32 5.77 -30.36
N GLN B 1 -29.31 -12.73 18.91
CA GLN B 1 -30.47 -12.24 18.16
C GLN B 1 -31.04 -10.99 18.82
N VAL B 2 -32.36 -10.86 18.80
CA VAL B 2 -33.04 -9.71 19.40
C VAL B 2 -33.21 -10.03 20.88
N GLN B 3 -32.28 -9.54 21.69
CA GLN B 3 -32.32 -9.77 23.13
C GLN B 3 -31.92 -8.51 23.90
N LEU B 4 -32.08 -7.33 23.28
CA LEU B 4 -31.72 -6.07 23.91
C LEU B 4 -32.80 -5.70 24.93
N GLN B 5 -32.66 -6.28 26.11
CA GLN B 5 -33.61 -6.04 27.21
C GLN B 5 -33.15 -4.85 28.03
N GLN B 6 -34.08 -3.93 28.31
CA GLN B 6 -33.81 -2.73 29.07
C GLN B 6 -34.52 -2.80 30.42
N SER B 7 -34.41 -1.72 31.19
CA SER B 7 -35.03 -1.63 32.49
C SER B 7 -36.45 -1.07 32.38
N GLY B 8 -37.15 -1.04 33.50
CA GLY B 8 -38.51 -0.54 33.55
C GLY B 8 -38.57 0.96 33.67
N PRO B 9 -39.75 1.50 33.94
CA PRO B 9 -39.89 2.95 34.09
C PRO B 9 -39.37 3.44 35.43
N GLU B 10 -39.02 4.73 35.45
CA GLU B 10 -38.52 5.39 36.64
C GLU B 10 -39.26 6.72 36.83
N LEU B 11 -38.91 7.43 37.89
CA LEU B 11 -39.50 8.72 38.22
C LEU B 11 -38.46 9.82 37.96
N VAL B 12 -38.90 10.89 37.31
CA VAL B 12 -38.03 12.02 36.97
C VAL B 12 -38.29 13.16 37.95
N LYS B 13 -37.23 13.61 38.61
CA LYS B 13 -37.30 14.72 39.54
C LYS B 13 -36.29 15.79 39.15
N LEU B 14 -36.57 17.02 39.58
CA LEU B 14 -35.69 18.15 39.27
C LEU B 14 -34.36 17.98 40.00
N GLY B 15 -33.27 17.93 39.24
CA GLY B 15 -31.96 17.76 39.81
C GLY B 15 -31.70 16.38 40.36
N ALA B 16 -31.95 15.35 39.54
CA ALA B 16 -31.75 13.98 39.96
C ALA B 16 -30.87 13.23 38.97
N SER B 17 -30.70 11.92 39.18
CA SER B 17 -29.88 11.10 38.31
C SER B 17 -30.46 9.69 38.27
N VAL B 18 -30.58 9.14 37.07
CA VAL B 18 -31.13 7.80 36.87
C VAL B 18 -30.22 7.04 35.92
N ARG B 19 -30.03 5.76 36.20
CA ARG B 19 -29.21 4.88 35.38
C ARG B 19 -30.11 3.92 34.61
N ILE B 20 -29.87 3.82 33.30
CA ILE B 20 -30.65 2.95 32.42
C ILE B 20 -29.74 1.86 31.90
N SER B 21 -30.11 0.61 32.14
CA SER B 21 -29.32 -0.53 31.70
C SER B 21 -29.82 -1.06 30.37
N CYS B 22 -28.97 -1.83 29.70
CA CYS B 22 -29.30 -2.42 28.40
C CYS B 22 -28.56 -3.74 28.29
N LYS B 23 -29.27 -4.83 28.57
CA LYS B 23 -28.68 -6.17 28.52
C LYS B 23 -28.59 -6.64 27.08
N ALA B 24 -27.36 -6.86 26.61
CA ALA B 24 -27.11 -7.33 25.26
C ALA B 24 -26.55 -8.75 25.30
N SER B 25 -27.09 -9.61 24.44
CA SER B 25 -26.66 -11.00 24.39
C SER B 25 -27.06 -11.59 23.05
N GLY B 26 -26.39 -12.67 22.67
CA GLY B 26 -26.65 -13.37 21.43
C GLY B 26 -25.74 -12.99 20.27
N TYR B 27 -24.76 -12.12 20.49
CA TYR B 27 -23.85 -11.70 19.44
C TYR B 27 -22.60 -11.12 20.09
N ARG B 28 -21.62 -10.82 19.24
CA ARG B 28 -20.35 -10.24 19.69
C ARG B 28 -20.58 -8.78 20.02
N PHE B 29 -20.98 -8.50 21.26
CA PHE B 29 -21.25 -7.14 21.68
C PHE B 29 -19.99 -6.31 21.86
N SER B 30 -18.84 -6.96 22.04
CA SER B 30 -17.58 -6.25 22.22
C SER B 30 -16.98 -5.74 20.91
N TYR B 31 -17.61 -6.05 19.77
CA TYR B 31 -17.12 -5.62 18.47
C TYR B 31 -18.07 -4.69 17.74
N SER B 32 -19.31 -4.55 18.20
CA SER B 32 -20.28 -3.68 17.57
C SER B 32 -20.63 -2.51 18.49
N TRP B 33 -21.00 -1.39 17.90
CA TRP B 33 -21.33 -0.20 18.67
C TRP B 33 -22.69 -0.37 19.35
N MET B 34 -22.96 0.52 20.31
CA MET B 34 -24.22 0.54 21.05
C MET B 34 -24.76 1.96 21.00
N ASN B 35 -25.86 2.15 20.27
CA ASN B 35 -26.44 3.47 20.06
C ASN B 35 -27.58 3.71 21.05
N TRP B 36 -27.80 4.99 21.35
CA TRP B 36 -28.86 5.41 22.26
C TRP B 36 -29.59 6.59 21.64
N VAL B 37 -30.90 6.45 21.44
CA VAL B 37 -31.71 7.48 20.82
C VAL B 37 -32.65 8.08 21.87
N LYS B 38 -33.25 9.21 21.53
CA LYS B 38 -34.18 9.91 22.41
C LYS B 38 -35.39 10.33 21.61
N GLN B 39 -36.56 9.82 21.97
CA GLN B 39 -37.81 10.12 21.30
C GLN B 39 -38.77 10.77 22.28
N ARG B 40 -39.25 11.97 21.94
CA ARG B 40 -40.21 12.67 22.78
C ARG B 40 -41.64 12.31 22.36
N PRO B 41 -42.58 12.35 23.30
CA PRO B 41 -43.98 12.04 22.96
C PRO B 41 -44.52 13.03 21.94
N GLY B 42 -44.87 12.51 20.76
CA GLY B 42 -45.39 13.34 19.69
C GLY B 42 -44.33 14.08 18.91
N LYS B 43 -43.07 13.68 19.01
CA LYS B 43 -41.98 14.32 18.29
C LYS B 43 -41.18 13.25 17.54
N GLY B 44 -40.10 13.70 16.91
CA GLY B 44 -39.25 12.80 16.14
C GLY B 44 -38.24 12.08 17.01
N LEU B 45 -37.13 11.70 16.39
CA LEU B 45 -36.05 10.99 17.05
C LEU B 45 -34.84 11.90 17.20
N GLU B 46 -34.13 11.73 18.31
CA GLU B 46 -32.94 12.51 18.61
C GLU B 46 -31.81 11.59 19.01
N TRP B 47 -30.68 11.70 18.33
CA TRP B 47 -29.51 10.88 18.63
C TRP B 47 -28.75 11.47 19.81
N ILE B 48 -28.42 10.61 20.78
CA ILE B 48 -27.72 11.04 21.98
C ILE B 48 -26.22 10.80 21.82
N GLY B 49 -25.83 9.55 21.64
CA GLY B 49 -24.42 9.21 21.51
C GLY B 49 -24.26 7.73 21.30
N ARG B 50 -23.00 7.34 21.07
CA ARG B 50 -22.63 5.95 20.84
C ARG B 50 -21.52 5.55 21.80
N ILE B 51 -21.36 4.24 21.96
CA ILE B 51 -20.32 3.69 22.83
C ILE B 51 -19.86 2.36 22.24
N TYR B 52 -18.55 2.13 22.28
CA TYR B 52 -17.95 0.90 21.77
C TYR B 52 -17.51 0.02 22.93
N PRO B 53 -18.23 -1.06 23.22
CA PRO B 53 -17.81 -1.95 24.32
C PRO B 53 -16.47 -2.59 24.04
N GLY B 54 -15.73 -2.89 25.11
CA GLY B 54 -14.42 -3.47 24.99
C GLY B 54 -13.29 -2.49 24.74
N ASP B 55 -13.60 -1.24 24.41
CA ASP B 55 -12.58 -0.22 24.18
C ASP B 55 -12.81 1.07 24.93
N GLY B 56 -14.01 1.35 25.42
CA GLY B 56 -14.27 2.57 26.16
C GLY B 56 -14.38 3.81 25.31
N ASP B 57 -14.38 3.69 23.99
CA ASP B 57 -14.49 4.84 23.11
C ASP B 57 -15.93 5.34 23.06
N THR B 58 -16.13 6.63 23.31
CA THR B 58 -17.44 7.24 23.28
C THR B 58 -17.40 8.49 22.40
N LYS B 59 -18.53 8.77 21.76
CA LYS B 59 -18.68 9.92 20.87
C LYS B 59 -19.99 10.62 21.23
N TYR B 60 -19.92 11.59 22.14
CA TYR B 60 -21.09 12.34 22.58
C TYR B 60 -21.26 13.58 21.71
N SER B 61 -22.52 13.88 21.39
CA SER B 61 -22.85 15.05 20.58
C SER B 61 -24.32 15.39 20.80
N GLY B 62 -24.79 16.40 20.07
CA GLY B 62 -26.16 16.84 20.19
C GLY B 62 -26.48 17.46 21.53
N LYS B 63 -25.64 18.41 21.96
CA LYS B 63 -25.75 19.13 23.22
C LYS B 63 -26.11 18.22 24.40
N PHE B 64 -25.62 16.98 24.37
CA PHE B 64 -25.89 16.03 25.44
C PHE B 64 -24.64 15.57 26.18
N LYS B 65 -23.45 16.03 25.78
CA LYS B 65 -22.23 15.62 26.45
C LYS B 65 -22.12 16.17 27.87
N GLY B 66 -22.90 17.20 28.20
CA GLY B 66 -22.88 17.79 29.52
C GLY B 66 -23.75 17.13 30.55
N LYS B 67 -24.68 16.28 30.13
CA LYS B 67 -25.59 15.62 31.07
C LYS B 67 -25.77 14.14 30.80
N ALA B 68 -25.15 13.57 29.78
CA ALA B 68 -25.27 12.16 29.46
C ALA B 68 -23.89 11.53 29.38
N THR B 69 -23.77 10.33 29.92
CA THR B 69 -22.51 9.58 29.92
C THR B 69 -22.81 8.11 29.76
N LEU B 70 -22.10 7.45 28.85
CA LEU B 70 -22.29 6.03 28.58
C LEU B 70 -21.16 5.22 29.22
N THR B 71 -21.52 4.05 29.73
CA THR B 71 -20.56 3.16 30.39
C THR B 71 -20.83 1.73 29.96
N ALA B 72 -19.77 1.04 29.54
CA ALA B 72 -19.87 -0.34 29.10
C ALA B 72 -19.33 -1.29 30.16
N ASP B 73 -19.81 -2.53 30.13
CA ASP B 73 -19.40 -3.57 31.08
C ASP B 73 -19.27 -4.88 30.31
N LYS B 74 -18.03 -5.31 30.05
CA LYS B 74 -17.81 -6.53 29.31
C LYS B 74 -18.18 -7.77 30.12
N SER B 75 -18.06 -7.69 31.45
CA SER B 75 -18.36 -8.85 32.29
C SER B 75 -19.84 -9.19 32.25
N SER B 76 -20.70 -8.22 32.50
CA SER B 76 -22.14 -8.43 32.51
C SER B 76 -22.79 -8.25 31.15
N SER B 77 -22.02 -7.84 30.13
CA SER B 77 -22.54 -7.59 28.79
C SER B 77 -23.72 -6.62 28.82
N THR B 78 -23.59 -5.58 29.61
CA THR B 78 -24.62 -4.55 29.75
C THR B 78 -24.04 -3.18 29.42
N VAL B 79 -24.92 -2.26 29.04
CA VAL B 79 -24.56 -0.89 28.71
C VAL B 79 -25.35 0.03 29.62
N TYR B 80 -24.66 0.93 30.30
CA TYR B 80 -25.26 1.86 31.24
C TYR B 80 -25.17 3.29 30.70
N MET B 81 -26.23 4.06 30.90
CA MET B 81 -26.31 5.44 30.47
C MET B 81 -26.51 6.32 31.70
N GLN B 82 -25.49 7.10 32.04
CA GLN B 82 -25.56 7.98 33.20
C GLN B 82 -26.27 9.28 32.85
N LEU B 83 -27.23 9.66 33.67
CA LEU B 83 -28.01 10.88 33.48
C LEU B 83 -27.78 11.84 34.64
N SER B 84 -28.15 13.10 34.40
CA SER B 84 -28.00 14.14 35.42
C SER B 84 -28.90 15.31 35.05
N SER B 85 -29.34 16.04 36.07
CA SER B 85 -30.24 17.19 35.93
C SER B 85 -31.46 16.83 35.08
N LEU B 86 -32.24 15.88 35.61
CA LEU B 86 -33.45 15.45 34.91
C LEU B 86 -34.50 16.54 34.94
N THR B 87 -35.00 16.91 33.76
CA THR B 87 -36.03 17.93 33.62
C THR B 87 -37.15 17.41 32.72
N SER B 88 -38.25 18.16 32.69
CA SER B 88 -39.40 17.77 31.87
C SER B 88 -39.10 17.83 30.39
N GLU B 89 -38.08 18.58 29.98
CA GLU B 89 -37.71 18.65 28.56
C GLU B 89 -37.14 17.32 28.09
N ASP B 90 -36.14 16.81 28.81
CA ASP B 90 -35.53 15.52 28.47
C ASP B 90 -36.28 14.33 29.06
N SER B 91 -37.35 14.57 29.82
CA SER B 91 -38.14 13.47 30.35
C SER B 91 -38.97 12.81 29.27
N ALA B 92 -38.44 11.73 28.68
CA ALA B 92 -39.13 11.01 27.61
C ALA B 92 -38.64 9.58 27.62
N VAL B 93 -38.98 8.84 26.55
CA VAL B 93 -38.60 7.44 26.42
C VAL B 93 -37.23 7.37 25.76
N TYR B 94 -36.48 6.32 26.11
CA TYR B 94 -35.15 6.11 25.57
C TYR B 94 -35.01 4.65 25.12
N PHE B 95 -34.37 4.45 23.97
CA PHE B 95 -34.16 3.14 23.41
C PHE B 95 -32.68 2.75 23.50
N CYS B 96 -32.39 1.53 23.07
CA CYS B 96 -31.02 1.01 23.07
C CYS B 96 -30.87 0.16 21.81
N ALA B 97 -30.31 0.75 20.75
CA ALA B 97 -30.16 0.09 19.47
C ALA B 97 -28.72 -0.37 19.25
N ARG B 98 -28.57 -1.44 18.48
CA ARG B 98 -27.27 -2.01 18.15
C ARG B 98 -27.02 -1.78 16.66
N SER B 99 -25.85 -1.21 16.35
CA SER B 99 -25.52 -0.90 14.96
C SER B 99 -25.12 -2.16 14.21
N ALA B 100 -25.06 -2.03 12.88
CA ALA B 100 -24.70 -3.15 12.02
C ALA B 100 -23.19 -3.14 11.77
N TYR B 101 -22.74 -3.95 10.81
CA TYR B 101 -21.33 -4.07 10.50
C TYR B 101 -20.90 -2.93 9.58
N GLY B 102 -19.68 -3.03 9.04
CA GLY B 102 -19.18 -1.96 8.18
C GLY B 102 -19.80 -1.99 6.79
N SER B 103 -19.79 -3.16 6.15
CA SER B 103 -20.36 -3.27 4.81
C SER B 103 -21.87 -3.07 4.81
N GLU B 104 -22.53 -3.25 5.95
CA GLU B 104 -23.97 -3.06 6.04
C GLU B 104 -24.37 -1.60 6.21
N GLY B 105 -23.41 -0.71 6.44
CA GLY B 105 -23.70 0.70 6.57
C GLY B 105 -23.96 1.20 7.98
N PHE B 106 -23.65 0.39 9.00
CA PHE B 106 -23.83 0.76 10.40
C PHE B 106 -25.27 1.19 10.67
N ALA B 107 -26.19 0.25 10.46
CA ALA B 107 -27.61 0.47 10.65
C ALA B 107 -28.08 -0.18 11.94
N MET B 108 -29.05 0.47 12.60
CA MET B 108 -29.61 -0.04 13.85
C MET B 108 -30.65 -1.11 13.51
N ASP B 109 -30.17 -2.34 13.33
CA ASP B 109 -31.05 -3.45 12.99
C ASP B 109 -31.81 -3.96 14.21
N TYR B 110 -31.16 -4.01 15.37
CA TYR B 110 -31.77 -4.50 16.59
C TYR B 110 -32.11 -3.33 17.51
N TRP B 111 -33.27 -3.42 18.14
CA TRP B 111 -33.76 -2.39 19.04
C TRP B 111 -34.23 -3.04 20.34
N GLY B 112 -34.69 -2.20 21.28
CA GLY B 112 -35.19 -2.65 22.55
C GLY B 112 -36.68 -2.39 22.72
N GLN B 113 -37.20 -2.86 23.84
CA GLN B 113 -38.63 -2.68 24.12
C GLN B 113 -38.97 -1.25 24.50
N GLY B 114 -38.01 -0.49 25.00
CA GLY B 114 -38.24 0.89 25.37
C GLY B 114 -38.19 1.10 26.87
N THR B 115 -37.64 2.24 27.28
CA THR B 115 -37.53 2.61 28.69
C THR B 115 -38.26 3.94 28.88
N SER B 116 -39.51 3.89 29.32
CA SER B 116 -40.30 5.09 29.53
C SER B 116 -39.83 5.83 30.79
N VAL B 117 -38.93 6.79 30.61
CA VAL B 117 -38.40 7.58 31.73
C VAL B 117 -39.26 8.84 31.82
N THR B 118 -40.30 8.76 32.64
CA THR B 118 -41.21 9.88 32.83
C THR B 118 -41.08 10.49 34.22
N ASP C 1 -22.55 20.68 12.26
CA ASP C 1 -22.92 19.27 12.15
C ASP C 1 -23.64 19.01 10.82
N ILE C 2 -23.95 17.75 10.57
CA ILE C 2 -24.63 17.33 9.34
C ILE C 2 -26.11 17.13 9.70
N VAL C 3 -26.95 18.07 9.29
CA VAL C 3 -28.38 18.02 9.57
C VAL C 3 -29.10 17.53 8.33
N LEU C 4 -30.17 16.76 8.55
CA LEU C 4 -30.98 16.19 7.47
C LEU C 4 -32.33 16.86 7.43
N THR C 5 -32.87 17.01 6.21
CA THR C 5 -34.19 17.58 5.99
C THR C 5 -34.97 16.68 5.05
N GLN C 6 -36.19 16.31 5.45
CA GLN C 6 -37.04 15.42 4.67
C GLN C 6 -38.13 16.21 3.97
N SER C 7 -38.63 15.63 2.86
CA SER C 7 -39.70 16.26 2.09
C SER C 7 -40.35 15.19 1.24
N PRO C 8 -41.69 15.16 1.14
CA PRO C 8 -42.60 16.06 1.86
C PRO C 8 -42.82 15.66 3.31
N ALA C 9 -43.65 16.41 4.02
CA ALA C 9 -43.94 16.13 5.42
C ALA C 9 -45.12 15.19 5.61
N SER C 10 -46.03 15.13 4.64
CA SER C 10 -47.20 14.27 4.74
C SER C 10 -47.60 13.81 3.35
N LEU C 11 -47.85 12.51 3.21
CA LEU C 11 -48.22 11.90 1.94
C LEU C 11 -49.49 11.08 2.15
N ALA C 12 -50.63 11.64 1.74
CA ALA C 12 -51.91 10.95 1.86
C ALA C 12 -52.20 10.15 0.60
N VAL C 13 -51.29 9.25 0.28
CA VAL C 13 -51.41 8.41 -0.91
C VAL C 13 -52.43 7.31 -0.65
N SER C 14 -53.34 7.12 -1.60
CA SER C 14 -54.37 6.10 -1.48
C SER C 14 -53.79 4.72 -1.75
N LEU C 15 -54.56 3.69 -1.42
CA LEU C 15 -54.12 2.31 -1.62
C LEU C 15 -54.05 2.00 -3.11
N GLY C 16 -52.90 1.48 -3.53
CA GLY C 16 -52.68 1.14 -4.92
C GLY C 16 -51.78 2.08 -5.69
N GLN C 17 -51.13 3.03 -5.02
CA GLN C 17 -50.25 3.98 -5.67
C GLN C 17 -48.93 4.05 -4.91
N ARG C 18 -47.86 4.34 -5.63
CA ARG C 18 -46.52 4.42 -5.06
C ARG C 18 -46.23 5.84 -4.57
N ALA C 19 -45.20 5.95 -3.75
CA ALA C 19 -44.78 7.24 -3.20
C ALA C 19 -43.26 7.26 -3.12
N THR C 20 -42.71 8.46 -2.89
CA THR C 20 -41.27 8.65 -2.80
C THR C 20 -40.96 9.55 -1.60
N ILE C 21 -39.86 9.25 -0.92
CA ILE C 21 -39.40 10.02 0.23
C ILE C 21 -37.99 10.50 -0.05
N SER C 22 -37.76 11.80 0.16
CA SER C 22 -36.47 12.42 -0.08
C SER C 22 -35.83 12.85 1.24
N CYS C 23 -34.50 12.76 1.31
CA CYS C 23 -33.74 13.16 2.50
C CYS C 23 -32.49 13.88 2.02
N ARG C 24 -32.53 15.22 2.03
CA ARG C 24 -31.44 16.05 1.54
C ARG C 24 -30.58 16.57 2.68
N ALA C 25 -29.36 16.97 2.33
CA ALA C 25 -28.39 17.52 3.28
C ALA C 25 -27.23 18.08 2.47
N SER C 26 -26.21 18.56 3.18
CA SER C 26 -24.99 19.01 2.53
C SER C 26 -24.12 17.86 2.06
N GLU C 27 -24.45 16.62 2.43
CA GLU C 27 -23.76 15.42 2.02
C GLU C 27 -24.60 14.68 0.99
N SER C 28 -23.97 14.00 0.01
CA SER C 28 -22.55 13.66 -0.22
C SER C 28 -21.94 12.85 0.93
N VAL C 29 -22.66 11.81 1.35
CA VAL C 29 -22.16 10.87 2.35
C VAL C 29 -21.38 9.72 1.72
N ASP C 30 -21.14 9.76 0.41
CA ASP C 30 -20.46 8.66 -0.26
C ASP C 30 -19.02 8.54 0.22
N ASN C 31 -18.66 7.36 0.72
CA ASN C 31 -17.31 7.09 1.18
C ASN C 31 -17.03 5.61 0.99
N TYR C 32 -15.92 5.30 0.30
CA TYR C 32 -15.54 3.93 -0.02
C TYR C 32 -16.63 3.19 -0.78
N GLY C 33 -17.41 3.92 -1.58
CA GLY C 33 -18.46 3.31 -2.37
C GLY C 33 -19.65 2.80 -1.57
N ILE C 34 -19.81 3.27 -0.33
CA ILE C 34 -20.91 2.85 0.53
C ILE C 34 -21.73 4.09 0.87
N SER C 35 -22.97 4.13 0.39
CA SER C 35 -23.86 5.25 0.65
C SER C 35 -24.33 5.17 2.11
N PHE C 36 -23.79 6.05 2.94
CA PHE C 36 -24.09 6.07 4.37
C PHE C 36 -25.48 6.66 4.58
N LEU C 37 -26.49 5.80 4.66
CA LEU C 37 -27.86 6.24 4.87
C LEU C 37 -28.68 5.05 5.35
N ASN C 38 -29.53 5.28 6.35
CA ASN C 38 -30.36 4.25 6.94
C ASN C 38 -31.79 4.73 7.04
N TRP C 39 -32.74 3.88 6.66
CA TRP C 39 -34.16 4.18 6.71
C TRP C 39 -34.82 3.32 7.78
N PHE C 40 -35.61 3.96 8.64
CA PHE C 40 -36.27 3.27 9.74
C PHE C 40 -37.79 3.41 9.60
N GLN C 41 -38.50 2.45 10.21
CA GLN C 41 -39.95 2.45 10.25
C GLN C 41 -40.40 2.56 11.70
N GLN C 42 -41.00 3.69 12.06
CA GLN C 42 -41.41 3.96 13.42
C GLN C 42 -42.94 3.94 13.49
N LYS C 43 -43.48 2.94 14.20
CA LYS C 43 -44.91 2.81 14.46
C LYS C 43 -45.26 3.37 15.83
N PRO C 44 -46.47 3.91 16.00
CA PRO C 44 -46.87 4.43 17.31
C PRO C 44 -46.88 3.34 18.38
N GLY C 45 -45.99 3.46 19.36
CA GLY C 45 -45.86 2.50 20.43
C GLY C 45 -44.78 1.46 20.20
N GLN C 46 -44.57 1.05 18.94
CA GLN C 46 -43.58 0.04 18.60
C GLN C 46 -42.21 0.69 18.36
N PRO C 47 -41.13 -0.02 18.66
CA PRO C 47 -39.78 0.52 18.42
C PRO C 47 -39.51 0.62 16.93
N PRO C 48 -38.51 1.41 16.53
CA PRO C 48 -38.19 1.53 15.10
C PRO C 48 -37.73 0.20 14.52
N LYS C 49 -37.88 0.06 13.21
CA LYS C 49 -37.53 -1.14 12.47
C LYS C 49 -36.71 -0.76 11.25
N LEU C 50 -35.56 -1.42 11.09
CA LEU C 50 -34.70 -1.14 9.94
C LEU C 50 -35.36 -1.63 8.65
N LEU C 51 -35.24 -0.83 7.60
CA LEU C 51 -35.85 -1.14 6.31
C LEU C 51 -34.82 -1.34 5.21
N ILE C 52 -33.91 -0.39 5.02
CA ILE C 52 -32.95 -0.42 3.92
C ILE C 52 -31.54 -0.43 4.50
N TYR C 53 -30.68 -1.26 3.94
CA TYR C 53 -29.29 -1.38 4.35
C TYR C 53 -28.43 -0.49 3.46
N ALA C 54 -27.84 0.55 4.05
CA ALA C 54 -26.95 1.48 3.35
C ALA C 54 -27.62 2.10 2.12
N ALA C 55 -28.94 2.27 2.18
CA ALA C 55 -29.75 2.88 1.14
C ALA C 55 -29.67 2.14 -0.20
N SER C 56 -29.14 0.93 -0.21
CA SER C 56 -29.00 0.17 -1.45
C SER C 56 -29.59 -1.23 -1.35
N ASN C 57 -29.46 -1.89 -0.20
CA ASN C 57 -29.96 -3.24 -0.01
C ASN C 57 -31.10 -3.26 0.99
N GLN C 58 -32.01 -4.20 0.81
CA GLN C 58 -33.15 -4.33 1.71
C GLN C 58 -32.72 -4.92 3.05
N GLY C 59 -33.53 -4.65 4.07
CA GLY C 59 -33.25 -5.13 5.40
C GLY C 59 -33.51 -6.63 5.54
N SER C 60 -33.39 -7.10 6.78
CA SER C 60 -33.60 -8.50 7.10
C SER C 60 -35.05 -8.72 7.49
N GLY C 61 -35.71 -9.66 6.82
CA GLY C 61 -37.08 -9.98 7.11
C GLY C 61 -38.10 -8.96 6.64
N VAL C 62 -37.67 -7.92 5.94
CA VAL C 62 -38.58 -6.89 5.44
C VAL C 62 -39.21 -7.36 4.14
N PRO C 63 -40.43 -6.96 3.82
CA PRO C 63 -41.04 -7.37 2.56
C PRO C 63 -40.32 -6.76 1.36
N ALA C 64 -40.55 -7.36 0.20
CA ALA C 64 -39.93 -6.89 -1.04
C ALA C 64 -40.50 -5.58 -1.53
N ARG C 65 -41.59 -5.10 -0.94
CA ARG C 65 -42.19 -3.84 -1.37
C ARG C 65 -41.31 -2.63 -1.01
N PHE C 66 -40.48 -2.75 0.03
CA PHE C 66 -39.62 -1.65 0.43
C PHE C 66 -38.38 -1.59 -0.45
N SER C 67 -38.05 -0.40 -0.93
CA SER C 67 -36.88 -0.21 -1.78
C SER C 67 -36.36 1.20 -1.61
N GLY C 68 -35.12 1.41 -2.05
CA GLY C 68 -34.50 2.72 -1.96
C GLY C 68 -33.31 2.81 -2.88
N SER C 69 -33.06 4.01 -3.39
CA SER C 69 -31.96 4.26 -4.30
C SER C 69 -31.44 5.68 -4.07
N GLY C 70 -30.45 6.06 -4.86
CA GLY C 70 -29.88 7.40 -4.77
C GLY C 70 -28.41 7.40 -4.43
N SER C 71 -27.72 8.48 -4.79
CA SER C 71 -26.29 8.61 -4.51
C SER C 71 -25.94 10.08 -4.39
N GLY C 72 -24.82 10.35 -3.73
CA GLY C 72 -24.35 11.70 -3.53
C GLY C 72 -25.17 12.48 -2.54
N THR C 73 -25.87 13.52 -3.02
CA THR C 73 -26.67 14.39 -2.17
C THR C 73 -28.14 14.00 -2.13
N TYR C 74 -28.75 13.75 -3.28
CA TYR C 74 -30.18 13.43 -3.35
C TYR C 74 -30.38 11.93 -3.22
N PHE C 75 -31.38 11.55 -2.43
CA PHE C 75 -31.74 10.15 -2.21
C PHE C 75 -33.25 10.00 -2.34
N SER C 76 -33.68 8.91 -2.95
CA SER C 76 -35.08 8.62 -3.18
C SER C 76 -35.45 7.30 -2.50
N LEU C 77 -36.62 7.27 -1.87
CA LEU C 77 -37.15 6.08 -1.20
C LEU C 77 -38.44 5.69 -1.90
N ASN C 78 -38.31 4.90 -2.97
CA ASN C 78 -39.47 4.44 -3.72
C ASN C 78 -40.08 3.23 -3.02
N ILE C 79 -41.37 3.34 -2.67
CA ILE C 79 -42.08 2.30 -1.94
C ILE C 79 -43.21 1.78 -2.82
N HIS C 80 -43.33 0.46 -2.91
CA HIS C 80 -44.42 -0.16 -3.64
C HIS C 80 -45.76 0.16 -2.96
N PRO C 81 -46.85 0.24 -3.74
CA PRO C 81 -48.18 0.45 -3.12
C PRO C 81 -48.44 -0.50 -1.95
N MET C 82 -48.60 0.07 -0.76
CA MET C 82 -48.70 -0.67 0.47
C MET C 82 -50.18 -0.87 0.84
N GLU C 83 -50.41 -1.37 2.05
CA GLU C 83 -51.75 -1.62 2.58
C GLU C 83 -51.97 -0.73 3.81
N GLU C 84 -53.09 -0.95 4.50
CA GLU C 84 -53.46 -0.15 5.66
C GLU C 84 -52.60 -0.45 6.89
N ASP C 85 -51.66 -1.39 6.81
CA ASP C 85 -50.82 -1.73 7.94
C ASP C 85 -49.40 -1.20 7.85
N ASP C 86 -48.95 -0.80 6.66
CA ASP C 86 -47.59 -0.32 6.46
C ASP C 86 -47.45 1.17 6.71
N THR C 87 -48.50 1.84 7.18
CA THR C 87 -48.44 3.26 7.45
C THR C 87 -47.70 3.52 8.75
N ALA C 88 -46.56 4.21 8.65
CA ALA C 88 -45.74 4.51 9.82
C ALA C 88 -44.79 5.65 9.49
N VAL C 89 -44.35 6.36 10.53
CA VAL C 89 -43.44 7.49 10.34
C VAL C 89 -42.05 6.94 10.00
N TYR C 90 -41.47 7.48 8.93
CA TYR C 90 -40.17 7.04 8.44
C TYR C 90 -39.11 8.11 8.72
N PHE C 91 -37.89 7.66 9.01
CA PHE C 91 -36.78 8.55 9.28
C PHE C 91 -35.57 8.13 8.47
N CYS C 92 -34.77 9.12 8.09
CA CYS C 92 -33.48 8.89 7.42
C CYS C 92 -32.35 9.24 8.39
N GLN C 93 -31.34 8.39 8.43
CA GLN C 93 -30.22 8.53 9.36
C GLN C 93 -28.93 8.70 8.59
N GLN C 94 -28.15 9.72 8.98
CA GLN C 94 -26.81 9.93 8.44
C GLN C 94 -25.80 9.34 9.42
N THR C 95 -25.15 8.26 9.02
CA THR C 95 -24.22 7.55 9.88
C THR C 95 -22.76 7.90 9.58
N LYS C 96 -22.52 8.92 8.77
CA LYS C 96 -21.15 9.33 8.47
C LYS C 96 -20.53 10.02 9.68
N GLY C 97 -19.21 9.93 9.78
CA GLY C 97 -18.51 10.54 10.89
C GLY C 97 -18.60 12.05 10.88
N VAL C 98 -18.42 12.63 12.06
CA VAL C 98 -18.16 11.87 13.27
C VAL C 98 -19.42 11.77 14.12
N SER C 99 -20.40 12.61 13.80
CA SER C 99 -21.67 12.65 14.52
C SER C 99 -22.79 12.08 13.67
N TRP C 100 -23.77 11.48 14.34
CA TRP C 100 -24.94 10.90 13.69
C TRP C 100 -26.16 11.75 14.00
N THR C 101 -26.96 12.04 12.97
CA THR C 101 -28.16 12.86 13.12
C THR C 101 -29.30 12.23 12.35
N PHE C 102 -30.48 12.24 12.97
CA PHE C 102 -31.68 11.69 12.36
C PHE C 102 -32.37 12.74 11.50
N GLY C 103 -33.38 12.30 10.75
CA GLY C 103 -34.14 13.17 9.87
C GLY C 103 -35.32 13.80 10.57
N GLY C 104 -36.18 14.42 9.76
CA GLY C 104 -37.36 15.09 10.28
C GLY C 104 -38.52 14.14 10.53
N GLY C 105 -38.94 13.43 9.49
CA GLY C 105 -40.03 12.49 9.61
C GLY C 105 -41.15 12.74 8.62
N THR C 106 -41.82 11.68 8.19
CA THR C 106 -42.93 11.78 7.25
C THR C 106 -44.19 11.20 7.88
N LYS C 107 -45.34 11.65 7.37
CA LYS C 107 -46.65 11.22 7.86
C LYS C 107 -47.42 10.64 6.67
N VAL C 108 -47.25 9.35 6.44
CA VAL C 108 -47.94 8.66 5.35
C VAL C 108 -49.28 8.13 5.87
N GLU C 109 -50.30 8.25 5.04
CA GLU C 109 -51.65 7.80 5.38
C GLU C 109 -52.45 7.63 4.10
N ILE C 110 -53.75 7.40 4.23
CA ILE C 110 -54.62 7.22 3.08
C ILE C 110 -55.45 8.49 2.86
#